data_1QW8
#
_entry.id   1QW8
#
_cell.length_a   179.430
_cell.length_b   179.430
_cell.length_c   100.231
_cell.angle_alpha   90.00
_cell.angle_beta   90.00
_cell.angle_gamma   120.00
#
_symmetry.space_group_name_H-M   'H 3'
#
loop_
_entity.id
_entity.type
_entity.pdbx_description
1 polymer Alpha-L-arabinofuranosidase
2 branched alpha-L-arabinofuranose-(1-3)-beta-D-xylopyranose
3 water water
#
_entity_poly.entity_id   1
_entity_poly.type   'polypeptide(L)'
_entity_poly.pdbx_seq_one_letter_code
;MATKKATMIIEKDFKIAEIDKRIYGSFIEHLGRAVYGGIYEPGHPQADENGFRQDVIELVKELQVPIIRYPGGNFVSGYN
WEDGVGPKEQRPRRLDLAWKSVETNEIGLNEFMDWAKMVGAEVNMAVNLGTRGIDAARNLVEYCNHPSGSYYSDLRIAHG
YKEPHKIKTWCLGNAMDGPWQIGHKTAVEYGRIACEAAKVMKWVDPTIELVVCGSSNRNMPTFAEWEATVLDHTYDHVDY
ISLHQYYGNRDNDTANYLALSLEMDDFIRSVVAIADYVKAKKRSKKTIHLSFDEWNVWYHSNEADKLIEPWTVAPPLLED
IYNFEDALLVGCMLITLMKHADRVKIACLAQLVNVIAPIMTEKNGPAWKQTIYYPFMHASVYGRGVALHPVISSPKYDSK
DFTDVPYLESIAVYNEEKEEVTIFAVNRDMEDALLLECDVRSFEDYRVIEHIVLEHDNVKQTNSAQSSPVVPHRNGDAQL
SDRKVSATLPKLSWNVIRLGKR
;
_entity_poly.pdbx_strand_id   A,B
#
# COMPACT_ATOMS: atom_id res chain seq x y z
N LYS A 5 -13.19 -25.53 -11.61
CA LYS A 5 -13.46 -24.36 -12.44
C LYS A 5 -12.88 -23.10 -11.78
N ALA A 6 -12.22 -22.24 -12.57
CA ALA A 6 -11.88 -20.89 -12.16
C ALA A 6 -12.44 -19.89 -13.16
N THR A 7 -12.76 -18.69 -12.70
CA THR A 7 -13.16 -17.64 -13.62
C THR A 7 -12.22 -16.44 -13.50
N MET A 8 -12.35 -15.52 -14.45
CA MET A 8 -11.48 -14.37 -14.56
C MET A 8 -12.12 -13.30 -15.44
N ILE A 9 -12.20 -12.07 -14.94
CA ILE A 9 -12.67 -10.98 -15.76
C ILE A 9 -11.44 -10.28 -16.35
N ILE A 10 -11.46 -10.15 -17.67
CA ILE A 10 -10.42 -9.44 -18.39
C ILE A 10 -11.04 -8.18 -18.97
N GLU A 11 -10.97 -7.11 -18.17
CA GLU A 11 -11.50 -5.81 -18.54
C GLU A 11 -10.35 -4.85 -18.86
N LYS A 12 -10.32 -4.42 -20.11
CA LYS A 12 -9.41 -3.40 -20.61
C LYS A 12 -9.28 -2.16 -19.69
N ASP A 13 -10.39 -1.74 -19.08
CA ASP A 13 -10.42 -0.55 -18.23
C ASP A 13 -10.03 -0.76 -16.74
N PHE A 14 -9.76 -2.00 -16.34
CA PHE A 14 -9.29 -2.34 -14.99
C PHE A 14 -7.80 -2.68 -15.09
N LYS A 15 -6.95 -1.64 -15.07
CA LYS A 15 -5.51 -1.76 -15.35
C LYS A 15 -4.68 -1.56 -14.10
N ILE A 16 -3.61 -2.34 -13.97
CA ILE A 16 -2.60 -2.09 -12.95
C ILE A 16 -1.65 -1.00 -13.44
N ALA A 17 -0.98 -1.26 -14.56
CA ALA A 17 0.02 -0.33 -15.11
C ALA A 17 0.64 -0.85 -16.38
N GLU A 18 1.21 0.05 -17.15
CA GLU A 18 2.11 -0.32 -18.22
C GLU A 18 3.27 -1.09 -17.56
N ILE A 19 3.59 -2.23 -18.14
CA ILE A 19 4.72 -3.03 -17.70
C ILE A 19 6.00 -2.38 -18.24
N ASP A 20 6.94 -2.14 -17.34
CA ASP A 20 8.28 -1.70 -17.71
C ASP A 20 9.04 -2.93 -18.17
N LYS A 21 9.52 -2.92 -19.41
CA LYS A 21 10.17 -4.10 -20.00
C LYS A 21 11.38 -4.56 -19.19
N ARG A 22 11.95 -3.66 -18.39
CA ARG A 22 13.09 -4.01 -17.56
C ARG A 22 12.74 -5.01 -16.44
N ILE A 23 11.46 -5.36 -16.25
CA ILE A 23 11.14 -6.46 -15.34
C ILE A 23 11.57 -7.80 -15.90
N TYR A 24 11.97 -7.82 -17.17
CA TYR A 24 12.50 -9.00 -17.82
C TYR A 24 14.01 -8.89 -17.96
N GLY A 25 14.66 -8.19 -17.02
CA GLY A 25 16.11 -8.17 -17.00
C GLY A 25 16.78 -9.38 -16.42
N SER A 26 18.10 -9.40 -16.46
CA SER A 26 18.85 -10.45 -15.80
C SER A 26 20.13 -9.81 -15.23
N PHE A 27 21.15 -10.63 -15.04
CA PHE A 27 22.25 -10.34 -14.11
C PHE A 27 23.40 -11.30 -14.41
N ILE A 28 24.58 -10.74 -14.58
CA ILE A 28 25.83 -11.50 -14.69
C ILE A 28 26.84 -10.95 -13.70
N GLU A 29 27.31 -11.83 -12.84
CA GLU A 29 28.36 -11.52 -11.88
C GLU A 29 29.67 -12.18 -12.34
N HIS A 30 30.80 -11.65 -11.89
CA HIS A 30 32.05 -12.38 -12.04
C HIS A 30 32.04 -13.44 -10.94
N LEU A 31 31.40 -14.55 -11.27
CA LEU A 31 31.14 -15.64 -10.35
C LEU A 31 31.18 -16.91 -11.20
N GLY A 32 32.02 -17.85 -10.78
CA GLY A 32 32.12 -19.15 -11.37
C GLY A 32 32.34 -19.06 -12.86
N ARG A 33 31.45 -19.70 -13.62
CA ARG A 33 31.58 -19.75 -15.07
C ARG A 33 30.58 -18.81 -15.81
N ALA A 34 30.04 -17.81 -15.13
CA ALA A 34 29.12 -16.87 -15.76
C ALA A 34 29.77 -16.10 -16.88
N VAL A 35 31.00 -15.64 -16.62
CA VAL A 35 31.77 -14.86 -17.56
C VAL A 35 32.73 -15.82 -18.25
N TYR A 36 33.64 -16.40 -17.49
CA TYR A 36 34.71 -17.20 -18.09
C TYR A 36 34.19 -18.62 -18.33
N GLY A 37 33.94 -18.95 -19.59
CA GLY A 37 33.31 -20.21 -19.96
C GLY A 37 31.80 -20.09 -20.15
N GLY A 38 31.29 -18.86 -19.97
CA GLY A 38 29.88 -18.55 -20.12
C GLY A 38 29.71 -17.64 -21.32
N ILE A 39 29.71 -16.34 -21.10
CA ILE A 39 29.65 -15.37 -22.21
C ILE A 39 30.93 -15.33 -23.06
N TYR A 40 32.07 -15.68 -22.44
CA TYR A 40 33.42 -15.45 -22.98
C TYR A 40 34.26 -16.72 -22.89
N GLU A 41 34.72 -17.22 -24.03
CA GLU A 41 35.53 -18.43 -24.03
C GLU A 41 36.34 -18.42 -25.33
N PRO A 42 37.49 -17.76 -25.30
CA PRO A 42 38.33 -17.61 -26.49
C PRO A 42 38.62 -18.92 -27.22
N GLY A 43 38.81 -20.03 -26.54
CA GLY A 43 39.09 -21.28 -27.25
C GLY A 43 37.95 -21.92 -28.05
N HIS A 44 36.74 -21.41 -27.90
CA HIS A 44 35.57 -22.14 -28.37
C HIS A 44 35.40 -22.01 -29.89
N PRO A 45 35.02 -23.10 -30.57
CA PRO A 45 34.87 -23.03 -32.04
C PRO A 45 33.84 -22.02 -32.51
N GLN A 46 32.87 -21.73 -31.64
CA GLN A 46 31.79 -20.79 -31.92
C GLN A 46 32.04 -19.38 -31.32
N ALA A 47 33.25 -19.13 -30.83
CA ALA A 47 33.62 -17.79 -30.28
C ALA A 47 33.80 -16.82 -31.42
N ASP A 48 33.38 -15.59 -31.22
CA ASP A 48 33.58 -14.56 -32.22
C ASP A 48 35.01 -13.99 -32.14
N GLU A 49 35.26 -12.95 -32.91
CA GLU A 49 36.59 -12.30 -32.96
C GLU A 49 37.04 -11.78 -31.59
N ASN A 50 36.10 -11.50 -30.70
CA ASN A 50 36.43 -10.98 -29.36
C ASN A 50 36.34 -12.03 -28.25
N GLY A 51 36.17 -13.29 -28.64
CA GLY A 51 36.15 -14.39 -27.67
C GLY A 51 34.75 -14.72 -27.12
N PHE A 52 33.74 -14.01 -27.57
CA PHE A 52 32.39 -14.20 -27.07
C PHE A 52 31.73 -15.39 -27.73
N ARG A 53 31.09 -16.24 -26.92
CA ARG A 53 30.39 -17.40 -27.47
C ARG A 53 29.15 -16.98 -28.22
N GLN A 54 29.12 -17.27 -29.53
CA GLN A 54 27.99 -16.91 -30.37
C GLN A 54 26.70 -17.68 -30.04
N ASP A 55 26.84 -18.94 -29.63
CA ASP A 55 25.66 -19.73 -29.23
C ASP A 55 24.96 -19.14 -28.01
N VAL A 56 25.76 -18.66 -27.04
CA VAL A 56 25.20 -17.97 -25.88
C VAL A 56 24.57 -16.68 -26.28
N ILE A 57 25.22 -15.92 -27.19
CA ILE A 57 24.63 -14.68 -27.66
C ILE A 57 23.23 -14.90 -28.24
N GLU A 58 23.08 -15.92 -29.07
CA GLU A 58 21.78 -16.20 -29.67
C GLU A 58 20.74 -16.60 -28.61
N LEU A 59 21.14 -17.40 -27.62
CA LEU A 59 20.22 -17.84 -26.58
C LEU A 59 19.70 -16.66 -25.74
N VAL A 60 20.58 -15.68 -25.46
CA VAL A 60 20.15 -14.49 -24.70
C VAL A 60 19.26 -13.60 -25.56
N LYS A 61 19.57 -13.47 -26.84
CA LYS A 61 18.81 -12.62 -27.72
C LYS A 61 17.37 -13.08 -27.82
N GLU A 62 17.20 -14.39 -27.80
CA GLU A 62 15.87 -14.99 -27.90
C GLU A 62 15.01 -14.72 -26.63
N LEU A 63 15.68 -14.57 -25.48
CA LEU A 63 15.01 -14.08 -24.25
C LEU A 63 14.56 -12.60 -24.27
N GLN A 64 15.15 -11.80 -25.17
CA GLN A 64 14.90 -10.37 -25.29
C GLN A 64 15.11 -9.63 -23.96
N VAL A 65 16.19 -9.97 -23.29
CA VAL A 65 16.53 -9.37 -22.01
C VAL A 65 16.92 -7.93 -22.26
N PRO A 66 16.17 -6.95 -21.75
CA PRO A 66 16.49 -5.54 -22.02
C PRO A 66 17.61 -4.94 -21.19
N ILE A 67 17.85 -5.47 -20.01
CA ILE A 67 18.82 -4.90 -19.06
C ILE A 67 19.52 -5.98 -18.27
N ILE A 68 20.83 -5.87 -18.09
CA ILE A 68 21.62 -6.86 -17.37
C ILE A 68 22.48 -6.15 -16.32
N ARG A 69 22.28 -6.55 -15.08
CA ARG A 69 23.02 -6.07 -13.94
C ARG A 69 24.41 -6.73 -13.95
N TYR A 70 25.41 -5.96 -13.55
CA TYR A 70 26.83 -6.32 -13.69
C TYR A 70 27.67 -5.31 -12.86
N PRO A 71 28.81 -5.68 -12.28
CA PRO A 71 29.43 -7.02 -12.21
C PRO A 71 29.16 -7.84 -10.96
N GLY A 72 28.24 -7.38 -10.14
CA GLY A 72 27.85 -8.03 -8.90
C GLY A 72 26.78 -7.26 -8.17
N GLY A 73 26.22 -7.82 -7.09
CA GLY A 73 26.60 -9.11 -6.57
C GLY A 73 27.76 -8.96 -5.61
N ASN A 74 27.96 -9.98 -4.81
CA ASN A 74 28.99 -9.96 -3.76
C ASN A 74 30.38 -9.58 -4.26
N PHE A 75 30.72 -10.00 -5.50
CA PHE A 75 31.99 -9.68 -6.14
C PHE A 75 32.31 -8.18 -6.13
N VAL A 76 31.30 -7.34 -6.37
CA VAL A 76 31.59 -5.93 -6.61
C VAL A 76 32.13 -5.24 -5.35
N SER A 77 31.79 -5.77 -4.20
CA SER A 77 32.05 -5.09 -2.93
C SER A 77 33.54 -5.12 -2.59
N GLY A 78 34.32 -5.97 -3.28
CA GLY A 78 35.79 -6.04 -3.16
C GLY A 78 36.56 -5.65 -4.41
N TYR A 79 35.85 -5.16 -5.44
CA TYR A 79 36.38 -4.99 -6.80
C TYR A 79 36.84 -3.58 -7.08
N ASN A 80 37.99 -3.48 -7.73
CA ASN A 80 38.48 -2.20 -8.25
C ASN A 80 38.27 -2.10 -9.75
N TRP A 81 37.39 -1.22 -10.20
CA TRP A 81 37.05 -1.15 -11.61
C TRP A 81 38.25 -0.90 -12.52
N GLU A 82 39.24 -0.17 -12.01
CA GLU A 82 40.42 0.16 -12.81
C GLU A 82 41.22 -1.10 -13.18
N ASP A 83 41.11 -2.14 -12.36
CA ASP A 83 41.83 -3.38 -12.57
C ASP A 83 41.36 -4.12 -13.81
N GLY A 84 40.17 -3.76 -14.32
CA GLY A 84 39.55 -4.43 -15.46
C GLY A 84 39.54 -3.62 -16.75
N VAL A 85 40.19 -2.47 -16.76
CA VAL A 85 40.28 -1.63 -17.98
C VAL A 85 41.74 -1.40 -18.41
N GLY A 86 41.91 -1.02 -19.69
CA GLY A 86 43.22 -0.80 -20.26
C GLY A 86 43.89 -2.07 -20.75
N PRO A 87 45.13 -1.94 -21.22
CA PRO A 87 45.83 -3.08 -21.80
C PRO A 87 45.88 -4.26 -20.86
N LYS A 88 45.64 -5.43 -21.42
CA LYS A 88 45.54 -6.65 -20.61
C LYS A 88 46.80 -6.94 -19.79
N GLU A 89 48.01 -6.57 -20.27
CA GLU A 89 49.27 -6.91 -19.59
C GLU A 89 49.41 -6.16 -18.25
N GLN A 90 48.75 -5.01 -18.15
CA GLN A 90 48.77 -4.24 -16.93
C GLN A 90 47.59 -4.53 -15.95
N ARG A 91 46.68 -5.45 -16.32
CA ARG A 91 45.60 -5.81 -15.41
C ARG A 91 46.08 -6.82 -14.38
N PRO A 92 45.88 -6.57 -13.09
CA PRO A 92 46.38 -7.47 -12.05
C PRO A 92 45.48 -8.66 -11.82
N ARG A 93 46.07 -9.77 -11.41
CA ARG A 93 45.31 -10.88 -10.85
C ARG A 93 44.99 -10.60 -9.39
N ARG A 94 43.74 -10.80 -9.01
CA ARG A 94 43.21 -10.44 -7.69
C ARG A 94 42.58 -11.67 -7.02
N LEU A 95 42.66 -11.69 -5.71
CA LEU A 95 41.88 -12.61 -4.94
C LEU A 95 40.50 -12.00 -4.74
N ASP A 96 39.52 -12.62 -5.38
CA ASP A 96 38.12 -12.26 -5.16
C ASP A 96 37.68 -12.94 -3.86
N LEU A 97 37.51 -12.16 -2.81
CA LEU A 97 37.12 -12.75 -1.52
C LEU A 97 35.68 -13.19 -1.47
N ALA A 98 34.85 -12.69 -2.37
CA ALA A 98 33.45 -13.10 -2.34
C ALA A 98 33.26 -14.58 -2.65
N TRP A 99 33.95 -15.08 -3.67
CA TRP A 99 33.79 -16.46 -4.12
C TRP A 99 35.11 -17.23 -4.07
N LYS A 100 36.06 -16.68 -3.33
CA LYS A 100 37.34 -17.35 -3.09
C LYS A 100 37.95 -17.89 -4.36
N SER A 101 38.06 -17.03 -5.36
CA SER A 101 38.61 -17.40 -6.64
C SER A 101 39.67 -16.37 -7.02
N VAL A 102 40.55 -16.74 -7.94
CA VAL A 102 41.49 -15.76 -8.51
C VAL A 102 40.82 -15.17 -9.76
N GLU A 103 40.65 -13.84 -9.76
CA GLU A 103 40.02 -13.13 -10.85
C GLU A 103 41.13 -12.53 -11.69
N THR A 104 41.23 -12.93 -12.95
CA THR A 104 42.29 -12.42 -13.82
C THR A 104 42.02 -11.05 -14.40
N ASN A 105 40.76 -10.62 -14.38
CA ASN A 105 40.34 -9.37 -14.99
C ASN A 105 40.56 -9.33 -16.50
N GLU A 106 40.68 -10.50 -17.10
CA GLU A 106 40.75 -10.61 -18.55
C GLU A 106 39.50 -9.99 -19.18
N ILE A 107 38.35 -10.15 -18.52
CA ILE A 107 37.15 -9.36 -18.82
C ILE A 107 36.97 -8.30 -17.74
N GLY A 108 36.83 -7.05 -18.20
CA GLY A 108 36.39 -5.93 -17.38
C GLY A 108 35.28 -5.17 -18.05
N LEU A 109 35.00 -3.98 -17.54
CA LEU A 109 33.73 -3.36 -17.89
C LEU A 109 33.57 -3.03 -19.40
N ASN A 110 34.63 -2.61 -20.06
CA ASN A 110 34.53 -2.28 -21.48
C ASN A 110 34.21 -3.51 -22.34
N GLU A 111 34.79 -4.65 -22.02
CA GLU A 111 34.50 -5.88 -22.75
C GLU A 111 33.08 -6.32 -22.45
N PHE A 112 32.64 -6.16 -21.21
CA PHE A 112 31.26 -6.47 -20.91
C PHE A 112 30.25 -5.60 -21.70
N MET A 113 30.56 -4.32 -21.89
CA MET A 113 29.69 -3.42 -22.63
C MET A 113 29.63 -3.89 -24.08
N ASP A 114 30.75 -4.38 -24.60
CA ASP A 114 30.83 -4.92 -25.97
C ASP A 114 29.90 -6.11 -26.08
N TRP A 115 29.93 -7.01 -25.11
CA TRP A 115 29.08 -8.20 -25.10
C TRP A 115 27.59 -7.82 -25.01
N ALA A 116 27.26 -6.90 -24.09
CA ALA A 116 25.89 -6.46 -23.90
C ALA A 116 25.33 -5.87 -25.20
N LYS A 117 26.15 -5.11 -25.88
CA LYS A 117 25.76 -4.58 -27.19
C LYS A 117 25.34 -5.73 -28.12
N MET A 118 26.10 -6.81 -28.12
CA MET A 118 25.82 -7.94 -29.02
C MET A 118 24.44 -8.56 -28.75
N VAL A 119 24.00 -8.57 -27.48
CA VAL A 119 22.76 -9.27 -27.12
C VAL A 119 21.62 -8.28 -27.02
N GLY A 120 21.92 -7.03 -27.31
CA GLY A 120 20.95 -5.96 -27.32
C GLY A 120 20.45 -5.45 -25.97
N ALA A 121 21.24 -5.62 -24.92
CA ALA A 121 20.85 -5.24 -23.57
C ALA A 121 21.62 -4.00 -23.12
N GLU A 122 20.94 -3.12 -22.38
CA GLU A 122 21.61 -2.08 -21.61
C GLU A 122 22.15 -2.71 -20.33
N VAL A 123 23.09 -2.01 -19.70
CA VAL A 123 23.75 -2.54 -18.52
C VAL A 123 23.37 -1.71 -17.31
N ASN A 124 22.97 -2.40 -16.24
CA ASN A 124 22.72 -1.81 -14.91
C ASN A 124 23.98 -2.00 -14.07
N MET A 125 24.85 -0.99 -14.09
CA MET A 125 26.20 -1.10 -13.54
C MET A 125 26.20 -0.83 -12.03
N ALA A 126 26.89 -1.70 -11.30
CA ALA A 126 27.07 -1.56 -9.87
C ALA A 126 28.41 -0.96 -9.54
N VAL A 127 28.41 -0.08 -8.53
CA VAL A 127 29.65 0.48 -8.00
C VAL A 127 29.97 -0.19 -6.65
N ASN A 128 31.26 -0.34 -6.37
CA ASN A 128 31.74 -0.88 -5.09
C ASN A 128 31.55 0.15 -3.96
N LEU A 129 30.73 -0.20 -2.97
CA LEU A 129 30.62 0.58 -1.74
C LEU A 129 30.97 -0.26 -0.52
N GLY A 130 31.75 -1.30 -0.73
CA GLY A 130 32.27 -2.17 0.29
C GLY A 130 33.65 -1.68 0.71
N THR A 131 34.66 -1.93 -0.10
CA THR A 131 36.02 -1.43 0.18
C THR A 131 36.27 -0.02 -0.37
N ARG A 132 35.35 0.47 -1.19
CA ARG A 132 35.50 1.77 -1.83
C ARG A 132 34.28 2.66 -1.53
N GLY A 133 34.32 3.88 -2.05
CA GLY A 133 33.33 4.87 -1.72
C GLY A 133 33.04 5.90 -2.77
N ILE A 134 32.91 7.14 -2.32
CA ILE A 134 32.31 8.14 -3.21
C ILE A 134 33.25 8.61 -4.29
N ASP A 135 34.56 8.65 -4.04
CA ASP A 135 35.47 9.07 -5.09
C ASP A 135 35.47 8.07 -6.26
N ALA A 136 35.53 6.77 -5.97
CA ALA A 136 35.55 5.76 -7.03
C ALA A 136 34.24 5.73 -7.80
N ALA A 137 33.16 6.09 -7.13
CA ALA A 137 31.84 6.14 -7.74
C ALA A 137 31.74 7.28 -8.77
N ARG A 138 32.13 8.48 -8.40
CA ARG A 138 32.12 9.55 -9.39
C ARG A 138 33.07 9.28 -10.54
N ASN A 139 34.24 8.69 -10.26
CA ASN A 139 35.23 8.51 -11.29
C ASN A 139 34.72 7.49 -12.29
N LEU A 140 34.06 6.43 -11.81
CA LEU A 140 33.53 5.43 -12.72
C LEU A 140 32.41 5.99 -13.62
N VAL A 141 31.52 6.78 -13.05
CA VAL A 141 30.49 7.40 -13.84
C VAL A 141 31.11 8.33 -14.88
N GLU A 142 32.15 9.06 -14.49
CA GLU A 142 32.85 9.93 -15.44
C GLU A 142 33.50 9.12 -16.57
N TYR A 143 34.23 8.06 -16.21
CA TYR A 143 34.86 7.18 -17.18
C TYR A 143 33.84 6.61 -18.18
N CYS A 144 32.70 6.15 -17.69
CA CYS A 144 31.70 5.53 -18.54
C CYS A 144 30.89 6.53 -19.35
N ASN A 145 30.54 7.69 -18.75
CA ASN A 145 29.47 8.54 -19.31
C ASN A 145 29.88 9.95 -19.80
N HIS A 146 30.99 10.48 -19.30
CA HIS A 146 31.37 11.84 -19.69
C HIS A 146 32.03 11.70 -21.06
N PRO A 147 31.67 12.57 -22.01
CA PRO A 147 32.17 12.44 -23.39
C PRO A 147 33.68 12.47 -23.57
N SER A 148 34.33 13.50 -23.07
CA SER A 148 35.75 13.79 -23.34
C SER A 148 36.21 15.02 -22.56
N GLY A 149 37.52 15.27 -22.57
CA GLY A 149 38.07 16.50 -22.03
C GLY A 149 38.32 16.51 -20.53
N SER A 150 38.26 15.33 -19.91
CA SER A 150 38.67 15.16 -18.52
C SER A 150 39.57 13.92 -18.46
N TYR A 151 40.33 13.81 -17.38
CA TYR A 151 41.25 12.67 -17.27
C TYR A 151 40.53 11.33 -17.50
N TYR A 152 39.42 11.10 -16.82
CA TYR A 152 38.79 9.75 -16.88
C TYR A 152 38.07 9.50 -18.18
N SER A 153 37.42 10.51 -18.73
CA SER A 153 36.76 10.35 -20.02
C SER A 153 37.77 10.09 -21.13
N ASP A 154 38.83 10.87 -21.17
CA ASP A 154 39.91 10.67 -22.15
C ASP A 154 40.62 9.34 -21.94
N LEU A 155 40.65 8.84 -20.71
CA LEU A 155 41.17 7.50 -20.45
C LEU A 155 40.34 6.41 -21.13
N ARG A 156 39.02 6.49 -21.02
CA ARG A 156 38.13 5.55 -21.73
C ARG A 156 38.38 5.61 -23.24
N ILE A 157 38.50 6.83 -23.76
CA ILE A 157 38.79 7.01 -25.19
C ILE A 157 40.11 6.27 -25.54
N ALA A 158 41.15 6.48 -24.73
CA ALA A 158 42.49 5.91 -24.93
C ALA A 158 42.48 4.38 -24.83
N HIS A 159 41.52 3.86 -24.07
CA HIS A 159 41.32 2.41 -23.90
C HIS A 159 40.56 1.80 -25.08
N GLY A 160 40.12 2.63 -26.02
CA GLY A 160 39.56 2.17 -27.28
C GLY A 160 38.08 2.40 -27.44
N TYR A 161 37.47 3.24 -26.59
CA TYR A 161 36.02 3.41 -26.53
C TYR A 161 35.72 4.90 -26.62
N LYS A 162 35.72 5.40 -27.85
CA LYS A 162 35.50 6.82 -28.12
C LYS A 162 34.18 7.37 -27.59
N GLU A 163 33.08 6.73 -27.96
CA GLU A 163 31.76 7.16 -27.51
C GLU A 163 31.58 6.66 -26.06
N PRO A 164 30.99 7.48 -25.22
CA PRO A 164 30.69 7.05 -23.86
C PRO A 164 29.66 5.93 -23.86
N HIS A 165 29.77 5.06 -22.86
CA HIS A 165 28.81 3.98 -22.67
C HIS A 165 27.41 4.48 -22.34
N LYS A 166 27.31 5.66 -21.70
CA LYS A 166 26.03 6.31 -21.34
C LYS A 166 25.11 5.34 -20.63
N ILE A 167 25.62 4.78 -19.53
CA ILE A 167 24.90 3.83 -18.69
C ILE A 167 23.87 4.62 -17.93
N LYS A 168 22.63 4.16 -18.01
CA LYS A 168 21.50 4.89 -17.41
C LYS A 168 21.32 4.58 -15.93
N THR A 169 21.27 3.30 -15.55
CA THR A 169 20.81 2.86 -14.25
C THR A 169 21.95 2.18 -13.47
N TRP A 170 22.23 2.69 -12.29
CA TRP A 170 23.38 2.24 -11.53
C TRP A 170 22.94 1.72 -10.16
N CYS A 171 23.60 0.67 -9.68
CA CYS A 171 23.44 0.15 -8.33
C CYS A 171 24.44 0.78 -7.39
N LEU A 172 23.94 1.34 -6.29
CA LEU A 172 24.80 1.86 -5.21
C LEU A 172 25.28 0.74 -4.30
N GLY A 173 26.29 0.00 -4.76
CA GLY A 173 26.80 -1.13 -4.03
C GLY A 173 25.99 -2.35 -4.29
N ASN A 174 26.35 -3.40 -3.57
CA ASN A 174 25.57 -4.61 -3.49
C ASN A 174 25.04 -4.65 -2.08
N ALA A 175 24.07 -5.52 -1.81
CA ALA A 175 23.49 -5.62 -0.48
C ALA A 175 24.56 -5.76 0.57
N MET A 176 24.63 -4.74 1.42
CA MET A 176 25.71 -4.59 2.38
C MET A 176 25.28 -5.00 3.78
N ASP A 177 24.01 -5.39 3.93
CA ASP A 177 23.45 -5.80 5.22
C ASP A 177 23.91 -7.17 5.67
N GLY A 178 24.44 -7.97 4.75
CA GLY A 178 24.90 -9.31 5.07
C GLY A 178 26.25 -9.33 5.78
N PRO A 179 26.34 -10.05 6.89
CA PRO A 179 27.63 -10.33 7.55
C PRO A 179 28.65 -11.07 6.66
N TRP A 180 28.21 -11.68 5.57
CA TRP A 180 29.10 -12.34 4.60
C TRP A 180 29.66 -11.37 3.54
N GLN A 181 29.23 -10.11 3.57
CA GLN A 181 29.58 -9.19 2.52
C GLN A 181 30.93 -8.56 2.86
N ILE A 182 31.71 -8.30 1.83
CA ILE A 182 32.94 -7.54 1.94
C ILE A 182 32.54 -6.11 2.25
N GLY A 183 33.07 -5.56 3.34
CA GLY A 183 32.76 -4.21 3.73
C GLY A 183 31.31 -4.02 4.07
N HIS A 184 30.72 -4.99 4.78
CA HIS A 184 29.40 -4.87 5.40
C HIS A 184 29.26 -3.52 6.09
N LYS A 185 28.08 -2.94 5.94
CA LYS A 185 27.72 -1.68 6.58
C LYS A 185 26.36 -1.85 7.25
N THR A 186 26.20 -1.19 8.40
CA THR A 186 24.87 -1.03 9.00
C THR A 186 23.99 -0.21 8.09
N ALA A 187 22.71 -0.18 8.40
CA ALA A 187 21.81 0.58 7.57
C ALA A 187 22.18 2.07 7.59
N VAL A 188 22.57 2.61 8.73
CA VAL A 188 23.02 4.02 8.79
C VAL A 188 24.31 4.25 7.99
N GLU A 189 25.33 3.43 8.19
CA GLU A 189 26.60 3.58 7.46
C GLU A 189 26.38 3.50 5.93
N TYR A 190 25.56 2.54 5.53
CA TYR A 190 25.28 2.34 4.12
C TYR A 190 24.44 3.49 3.60
N GLY A 191 23.43 3.90 4.36
CA GLY A 191 22.57 5.02 3.96
C GLY A 191 23.39 6.28 3.69
N ARG A 192 24.33 6.57 4.59
CA ARG A 192 25.18 7.73 4.47
C ARG A 192 26.08 7.64 3.26
N ILE A 193 26.76 6.51 3.05
CA ILE A 193 27.71 6.44 1.95
C ILE A 193 26.97 6.40 0.62
N ALA A 194 25.80 5.76 0.60
CA ALA A 194 24.99 5.69 -0.62
C ALA A 194 24.43 7.06 -0.98
N CYS A 195 24.05 7.83 0.03
CA CYS A 195 23.59 9.19 -0.20
C CYS A 195 24.68 10.06 -0.85
N GLU A 196 25.88 10.01 -0.26
CA GLU A 196 27.00 10.86 -0.72
C GLU A 196 27.53 10.38 -2.07
N ALA A 197 27.51 9.05 -2.29
CA ALA A 197 27.85 8.48 -3.60
C ALA A 197 26.82 8.88 -4.66
N ALA A 198 25.54 8.74 -4.34
CA ALA A 198 24.47 9.10 -5.27
C ALA A 198 24.59 10.55 -5.71
N LYS A 199 24.91 11.43 -4.77
CA LYS A 199 25.03 12.85 -5.11
C LYS A 199 26.12 13.11 -6.15
N VAL A 200 27.33 12.59 -5.92
CA VAL A 200 28.43 12.87 -6.84
C VAL A 200 28.22 12.20 -8.19
N MET A 201 27.59 11.04 -8.19
CA MET A 201 27.34 10.35 -9.47
C MET A 201 26.37 11.14 -10.34
N LYS A 202 25.33 11.63 -9.70
CA LYS A 202 24.34 12.49 -10.38
C LYS A 202 24.93 13.85 -10.77
N TRP A 203 25.88 14.39 -10.03
CA TRP A 203 26.51 15.64 -10.44
C TRP A 203 27.41 15.42 -11.69
N VAL A 204 28.01 14.25 -11.84
CA VAL A 204 28.76 13.93 -13.04
C VAL A 204 27.78 13.83 -14.22
N ASP A 205 26.69 13.10 -14.04
CA ASP A 205 25.71 12.87 -15.11
C ASP A 205 24.28 12.83 -14.55
N PRO A 206 23.57 13.97 -14.60
CA PRO A 206 22.20 14.02 -14.06
C PRO A 206 21.16 13.16 -14.75
N THR A 207 21.47 12.59 -15.91
CA THR A 207 20.53 11.72 -16.60
C THR A 207 20.42 10.34 -15.95
N ILE A 208 21.37 9.98 -15.07
CA ILE A 208 21.31 8.63 -14.49
C ILE A 208 20.20 8.44 -13.50
N GLU A 209 19.93 7.17 -13.23
CA GLU A 209 19.04 6.73 -12.15
C GLU A 209 19.86 5.92 -11.20
N LEU A 210 19.45 5.88 -9.95
CA LEU A 210 20.16 5.12 -8.91
C LEU A 210 19.22 4.15 -8.21
N VAL A 211 19.75 2.97 -7.96
CA VAL A 211 19.12 1.92 -7.15
C VAL A 211 19.86 1.81 -5.82
N VAL A 212 19.17 2.05 -4.70
CA VAL A 212 19.73 1.75 -3.37
C VAL A 212 19.41 0.34 -2.98
N CYS A 213 20.35 -0.27 -2.25
CA CYS A 213 20.26 -1.67 -1.86
C CYS A 213 19.25 -1.87 -0.76
N GLY A 214 18.27 -2.72 -0.99
CA GLY A 214 17.47 -3.27 0.09
C GLY A 214 18.20 -4.44 0.74
N SER A 215 17.44 -5.17 1.56
CA SER A 215 17.97 -6.33 2.26
C SER A 215 18.39 -7.43 1.30
N SER A 216 19.34 -8.26 1.71
CA SER A 216 19.74 -9.36 0.83
C SER A 216 18.69 -10.45 0.81
N ASN A 217 17.84 -10.48 1.81
CA ASN A 217 16.63 -11.30 1.75
C ASN A 217 15.68 -10.96 2.89
N ARG A 218 14.46 -11.44 2.75
CA ARG A 218 13.35 -11.11 3.63
C ARG A 218 13.55 -11.67 5.03
N ASN A 219 14.39 -12.70 5.14
CA ASN A 219 14.67 -13.31 6.43
C ASN A 219 15.80 -12.68 7.24
N MET A 220 16.43 -11.61 6.72
CA MET A 220 17.50 -10.98 7.47
C MET A 220 16.93 -10.43 8.75
N PRO A 221 17.69 -10.49 9.85
CA PRO A 221 17.24 -9.87 11.10
C PRO A 221 16.90 -8.37 10.98
N THR A 222 17.58 -7.67 10.07
CA THR A 222 17.35 -6.24 9.85
C THR A 222 16.31 -5.96 8.74
N PHE A 223 15.66 -6.98 8.20
CA PHE A 223 14.65 -6.75 7.17
C PHE A 223 13.63 -5.68 7.61
N ALA A 224 13.30 -4.80 6.67
CA ALA A 224 12.29 -3.75 6.79
C ALA A 224 12.84 -2.53 7.53
N GLU A 225 13.41 -2.74 8.70
CA GLU A 225 14.17 -1.72 9.41
C GLU A 225 15.29 -1.18 8.51
N TRP A 226 15.96 -2.08 7.80
CA TRP A 226 17.02 -1.70 6.85
C TRP A 226 16.50 -0.73 5.80
N GLU A 227 15.44 -1.13 5.13
CA GLU A 227 14.91 -0.34 4.02
C GLU A 227 14.43 1.05 4.48
N ALA A 228 13.80 1.10 5.65
CA ALA A 228 13.31 2.37 6.18
C ALA A 228 14.47 3.33 6.45
N THR A 229 15.49 2.82 7.12
CA THR A 229 16.65 3.62 7.46
C THR A 229 17.36 4.06 6.20
N VAL A 230 17.61 3.12 5.28
CA VAL A 230 18.36 3.46 4.06
C VAL A 230 17.60 4.53 3.27
N LEU A 231 16.30 4.36 3.09
CA LEU A 231 15.55 5.36 2.35
C LEU A 231 15.48 6.70 3.08
N ASP A 232 15.48 6.70 4.40
CA ASP A 232 15.46 7.96 5.18
C ASP A 232 16.73 8.77 4.84
N HIS A 233 17.83 8.05 4.62
CA HIS A 233 19.07 8.64 4.25
C HIS A 233 19.23 9.03 2.80
N THR A 234 18.52 8.39 1.89
CA THR A 234 18.82 8.53 0.47
C THR A 234 17.67 9.00 -0.41
N TYR A 235 16.50 9.18 0.19
CA TYR A 235 15.25 9.32 -0.61
C TYR A 235 15.37 10.31 -1.75
N ASP A 236 15.85 11.52 -1.44
CA ASP A 236 15.87 12.58 -2.44
C ASP A 236 16.83 12.34 -3.59
N HIS A 237 17.80 11.44 -3.42
CA HIS A 237 18.84 11.24 -4.41
C HIS A 237 18.75 9.94 -5.18
N VAL A 238 17.77 9.10 -4.87
CA VAL A 238 17.67 7.83 -5.56
C VAL A 238 16.29 7.58 -6.15
N ASP A 239 16.19 6.51 -6.96
CA ASP A 239 15.01 6.27 -7.79
C ASP A 239 14.29 4.94 -7.53
N TYR A 240 15.04 3.96 -7.07
CA TYR A 240 14.57 2.61 -6.81
C TYR A 240 15.22 2.08 -5.54
N ILE A 241 14.53 1.17 -4.89
CA ILE A 241 15.13 0.33 -3.86
C ILE A 241 15.06 -1.12 -4.29
N SER A 242 16.12 -1.88 -4.01
CA SER A 242 16.17 -3.24 -4.50
C SER A 242 15.63 -4.25 -3.51
N LEU A 243 15.18 -5.37 -4.05
CA LEU A 243 14.92 -6.56 -3.26
C LEU A 243 15.50 -7.77 -3.95
N HIS A 244 15.81 -8.76 -3.12
CA HIS A 244 16.37 -10.03 -3.55
C HIS A 244 15.55 -11.16 -2.95
N GLN A 245 15.31 -12.21 -3.73
CA GLN A 245 14.67 -13.41 -3.21
C GLN A 245 15.06 -14.68 -3.99
N TYR A 246 15.48 -15.71 -3.25
CA TYR A 246 15.68 -17.04 -3.82
C TYR A 246 14.80 -18.05 -3.12
N TYR A 247 14.40 -19.09 -3.86
CA TYR A 247 13.54 -20.14 -3.33
C TYR A 247 14.15 -21.48 -3.65
N GLY A 248 13.69 -22.49 -2.92
CA GLY A 248 14.22 -23.84 -3.03
C GLY A 248 13.19 -24.81 -2.48
N ASN A 249 13.24 -26.06 -2.96
CA ASN A 249 12.33 -27.11 -2.49
C ASN A 249 13.13 -28.13 -1.72
N ARG A 250 13.66 -27.71 -0.59
CA ARG A 250 14.60 -28.54 0.18
C ARG A 250 13.91 -29.67 0.98
N ASP A 251 12.58 -29.64 1.08
CA ASP A 251 11.84 -30.62 1.87
C ASP A 251 10.81 -31.38 1.03
N ASN A 252 11.00 -31.37 -0.29
CA ASN A 252 10.18 -32.13 -1.23
C ASN A 252 8.66 -31.98 -1.10
N ASP A 253 8.21 -30.73 -1.05
CA ASP A 253 6.81 -30.42 -0.87
C ASP A 253 6.34 -29.49 -1.98
N THR A 254 5.99 -30.09 -3.10
CA THR A 254 5.59 -29.37 -4.30
C THR A 254 4.45 -28.35 -4.07
N ALA A 255 3.42 -28.75 -3.30
CA ALA A 255 2.22 -27.93 -3.12
C ALA A 255 2.57 -26.64 -2.40
N ASN A 256 3.45 -26.78 -1.40
CA ASN A 256 3.98 -25.67 -0.62
C ASN A 256 4.99 -24.84 -1.46
N TYR A 257 5.76 -25.52 -2.29
CA TYR A 257 6.80 -24.88 -3.11
C TYR A 257 6.18 -23.93 -4.11
N LEU A 258 5.10 -24.38 -4.77
CA LEU A 258 4.43 -23.57 -5.79
C LEU A 258 3.62 -22.42 -5.16
N ALA A 259 3.32 -22.49 -3.88
CA ALA A 259 2.61 -21.41 -3.19
C ALA A 259 3.52 -20.21 -2.88
N LEU A 260 4.83 -20.42 -2.96
CA LEU A 260 5.80 -19.42 -2.48
C LEU A 260 5.69 -18.05 -3.15
N SER A 261 5.18 -18.01 -4.38
CA SER A 261 4.95 -16.73 -5.03
C SER A 261 4.00 -15.80 -4.21
N LEU A 262 3.11 -16.38 -3.38
CA LEU A 262 2.26 -15.60 -2.48
C LEU A 262 3.10 -14.77 -1.50
N GLU A 263 4.18 -15.38 -1.02
CA GLU A 263 5.12 -14.71 -0.15
C GLU A 263 5.88 -13.59 -0.89
N MET A 264 6.31 -13.88 -2.10
CA MET A 264 6.94 -12.87 -2.93
C MET A 264 6.03 -11.66 -3.04
N ASP A 265 4.74 -11.92 -3.18
CA ASP A 265 3.72 -10.89 -3.34
C ASP A 265 3.69 -10.00 -2.10
N ASP A 266 3.75 -10.64 -0.94
CA ASP A 266 3.73 -9.94 0.34
C ASP A 266 5.02 -9.14 0.59
N PHE A 267 6.14 -9.72 0.24
CA PHE A 267 7.45 -9.10 0.27
C PHE A 267 7.48 -7.79 -0.55
N ILE A 268 6.99 -7.84 -1.79
CA ILE A 268 6.89 -6.66 -2.64
C ILE A 268 6.01 -5.61 -1.96
N ARG A 269 4.84 -6.02 -1.51
CA ARG A 269 3.88 -5.11 -0.90
C ARG A 269 4.49 -4.47 0.35
N SER A 270 5.31 -5.21 1.08
CA SER A 270 5.99 -4.70 2.29
C SER A 270 7.01 -3.63 1.95
N VAL A 271 7.77 -3.85 0.88
CA VAL A 271 8.80 -2.87 0.49
C VAL A 271 8.17 -1.64 -0.17
N VAL A 272 7.11 -1.84 -0.98
CA VAL A 272 6.33 -0.69 -1.44
C VAL A 272 5.85 0.14 -0.24
N ALA A 273 5.33 -0.50 0.79
CA ALA A 273 4.83 0.21 1.97
C ALA A 273 5.95 1.04 2.62
N ILE A 274 7.15 0.49 2.72
CA ILE A 274 8.25 1.20 3.36
C ILE A 274 8.58 2.44 2.52
N ALA A 275 8.58 2.28 1.21
CA ALA A 275 8.90 3.40 0.33
C ALA A 275 7.90 4.53 0.53
N ASP A 276 6.64 4.14 0.71
CA ASP A 276 5.56 5.08 0.86
C ASP A 276 5.53 5.69 2.26
N TYR A 277 6.03 4.98 3.25
CA TYR A 277 6.22 5.53 4.58
C TYR A 277 7.21 6.66 4.52
N VAL A 278 8.39 6.37 3.98
CA VAL A 278 9.44 7.36 3.93
C VAL A 278 9.03 8.54 3.05
N LYS A 279 8.28 8.29 1.96
CA LYS A 279 7.80 9.38 1.12
C LYS A 279 6.99 10.34 1.96
N ALA A 280 6.09 9.80 2.76
CA ALA A 280 5.23 10.62 3.61
C ALA A 280 6.02 11.34 4.69
N LYS A 281 7.00 10.65 5.26
CA LYS A 281 7.87 11.23 6.28
C LYS A 281 8.63 12.45 5.72
N LYS A 282 9.10 12.36 4.47
CA LYS A 282 9.83 13.45 3.80
C LYS A 282 8.95 14.50 3.17
N ARG A 283 7.65 14.24 3.09
CA ARG A 283 6.69 15.06 2.36
C ARG A 283 7.14 15.23 0.94
N SER A 284 7.64 14.16 0.33
CA SER A 284 8.14 14.22 -1.03
C SER A 284 7.02 13.93 -2.03
N LYS A 285 7.10 14.54 -3.20
CA LYS A 285 6.19 14.25 -4.31
C LYS A 285 6.69 13.09 -5.15
N LYS A 286 7.96 12.70 -4.98
CA LYS A 286 8.55 11.60 -5.75
C LYS A 286 8.17 10.25 -5.18
N THR A 287 7.76 9.34 -6.04
CA THR A 287 7.55 7.96 -5.68
C THR A 287 8.76 7.13 -6.05
N ILE A 288 9.21 6.32 -5.10
CA ILE A 288 10.32 5.40 -5.30
C ILE A 288 9.73 4.04 -5.73
N HIS A 289 10.33 3.43 -6.75
CA HIS A 289 9.89 2.15 -7.19
C HIS A 289 10.91 1.08 -6.82
N LEU A 290 10.58 -0.15 -7.15
CA LEU A 290 11.35 -1.32 -6.76
C LEU A 290 12.12 -1.89 -7.94
N SER A 291 13.33 -2.34 -7.64
CA SER A 291 14.15 -3.13 -8.54
C SER A 291 14.34 -4.48 -7.87
N PHE A 292 13.66 -5.48 -8.42
CA PHE A 292 13.73 -6.83 -7.89
C PHE A 292 14.95 -7.47 -8.52
N ASP A 293 16.14 -6.98 -8.16
CA ASP A 293 17.31 -7.21 -9.01
C ASP A 293 18.10 -8.50 -8.74
N GLU A 294 17.59 -9.37 -7.85
CA GLU A 294 17.93 -10.79 -7.88
C GLU A 294 16.73 -11.63 -7.53
N TRP A 295 16.33 -12.50 -8.42
CA TRP A 295 15.27 -13.48 -8.10
C TRP A 295 15.52 -14.74 -8.93
N ASN A 296 15.23 -15.89 -8.32
CA ASN A 296 15.31 -17.21 -8.96
C ASN A 296 15.04 -18.32 -7.94
N VAL A 297 14.93 -19.53 -8.48
CA VAL A 297 15.20 -20.73 -7.73
C VAL A 297 16.70 -20.89 -7.58
N TRP A 298 17.14 -21.18 -6.36
CA TRP A 298 18.51 -21.55 -6.07
C TRP A 298 18.58 -22.49 -4.86
N TYR A 299 19.00 -23.73 -5.09
CA TYR A 299 19.28 -24.67 -4.02
C TYR A 299 19.98 -25.95 -4.46
N HIS A 300 19.71 -26.43 -5.67
CA HIS A 300 20.24 -27.70 -6.12
C HIS A 300 21.73 -27.88 -5.92
N SER A 301 22.56 -26.87 -6.21
CA SER A 301 24.01 -27.02 -6.18
C SER A 301 24.70 -26.72 -4.85
N ASN A 302 23.95 -26.47 -3.78
CA ASN A 302 24.57 -26.12 -2.49
C ASN A 302 25.64 -27.11 -2.02
N GLU A 303 25.40 -28.41 -2.19
CA GLU A 303 26.34 -29.38 -1.64
C GLU A 303 27.60 -29.53 -2.49
N ALA A 304 27.45 -29.63 -3.81
CA ALA A 304 28.61 -29.65 -4.71
C ALA A 304 29.58 -28.47 -4.49
N ASP A 305 29.03 -27.27 -4.25
CA ASP A 305 29.86 -26.07 -4.06
C ASP A 305 30.80 -26.17 -2.87
N LYS A 306 30.37 -26.84 -1.80
CA LYS A 306 31.19 -27.00 -0.60
C LYS A 306 32.55 -27.68 -0.82
N LEU A 307 32.65 -28.49 -1.87
CA LEU A 307 33.87 -29.23 -2.19
C LEU A 307 34.88 -28.50 -3.07
N ILE A 308 34.52 -27.31 -3.57
CA ILE A 308 35.40 -26.59 -4.49
C ILE A 308 36.54 -25.99 -3.68
N GLU A 309 37.78 -26.25 -4.08
CA GLU A 309 38.95 -25.69 -3.42
C GLU A 309 39.09 -24.20 -3.79
N PRO A 310 39.52 -23.37 -2.86
CA PRO A 310 39.69 -21.94 -3.13
C PRO A 310 40.88 -21.64 -4.03
N TRP A 311 40.77 -20.48 -4.69
CA TRP A 311 41.83 -19.87 -5.48
C TRP A 311 42.06 -20.51 -6.84
N THR A 312 41.04 -21.17 -7.36
CA THR A 312 41.04 -21.53 -8.78
C THR A 312 40.49 -20.37 -9.61
N VAL A 313 40.69 -20.48 -10.93
CA VAL A 313 40.10 -19.56 -11.89
C VAL A 313 38.85 -20.20 -12.45
N ALA A 314 37.74 -19.47 -12.40
CA ALA A 314 36.44 -19.89 -12.94
C ALA A 314 35.97 -21.28 -12.45
N PRO A 315 35.84 -21.44 -11.14
CA PRO A 315 35.27 -22.68 -10.59
C PRO A 315 33.80 -22.86 -10.98
N PRO A 316 33.35 -24.11 -11.11
CA PRO A 316 31.94 -24.37 -11.44
C PRO A 316 30.93 -24.18 -10.30
N LEU A 317 30.80 -22.93 -9.82
CA LEU A 317 29.93 -22.60 -8.69
C LEU A 317 28.50 -22.32 -9.07
N LEU A 318 27.56 -22.67 -8.19
CA LEU A 318 26.16 -22.27 -8.30
C LEU A 318 25.45 -22.87 -9.54
N GLU A 319 25.94 -24.01 -9.99
CA GLU A 319 25.40 -24.65 -11.20
C GLU A 319 24.22 -25.56 -10.88
N ASP A 320 23.14 -24.92 -10.45
CA ASP A 320 21.85 -25.58 -10.32
C ASP A 320 21.42 -26.18 -11.68
N ILE A 321 20.93 -27.42 -11.65
CA ILE A 321 20.22 -28.02 -12.79
C ILE A 321 18.73 -28.01 -12.49
N TYR A 322 17.97 -27.19 -13.19
CA TYR A 322 16.55 -26.98 -12.88
C TYR A 322 15.66 -28.08 -13.45
N ASN A 323 14.53 -28.27 -12.77
CA ASN A 323 13.51 -29.26 -13.11
C ASN A 323 12.20 -28.59 -13.51
N PHE A 324 11.16 -29.39 -13.77
CA PHE A 324 9.91 -28.86 -14.30
C PHE A 324 9.17 -28.00 -13.27
N GLU A 325 9.09 -28.47 -12.02
CA GLU A 325 8.40 -27.69 -10.99
C GLU A 325 9.08 -26.33 -10.75
N ASP A 326 10.40 -26.27 -10.92
CA ASP A 326 11.15 -25.02 -10.77
C ASP A 326 10.69 -24.04 -11.81
N ALA A 327 10.43 -24.55 -13.02
CA ALA A 327 9.84 -23.74 -14.05
C ALA A 327 8.44 -23.24 -13.67
N LEU A 328 7.64 -24.06 -12.99
CA LEU A 328 6.30 -23.58 -12.64
C LEU A 328 6.40 -22.45 -11.64
N LEU A 329 7.32 -22.55 -10.71
CA LEU A 329 7.50 -21.53 -9.69
C LEU A 329 8.03 -20.25 -10.32
N VAL A 330 8.98 -20.40 -11.22
CA VAL A 330 9.47 -19.24 -11.98
C VAL A 330 8.35 -18.58 -12.73
N GLY A 331 7.46 -19.37 -13.33
CA GLY A 331 6.31 -18.79 -13.99
C GLY A 331 5.44 -18.00 -12.99
N CYS A 332 5.22 -18.53 -11.80
CA CYS A 332 4.41 -17.84 -10.77
C CYS A 332 5.07 -16.53 -10.31
N MET A 333 6.39 -16.56 -10.19
CA MET A 333 7.21 -15.39 -9.84
C MET A 333 7.06 -14.31 -10.91
N LEU A 334 7.10 -14.71 -12.19
CA LEU A 334 6.94 -13.77 -13.28
C LEU A 334 5.57 -13.13 -13.24
N ILE A 335 4.52 -13.92 -12.98
CA ILE A 335 3.17 -13.38 -12.95
C ILE A 335 3.02 -12.40 -11.79
N THR A 336 3.69 -12.71 -10.71
CA THR A 336 3.73 -11.83 -9.52
C THR A 336 4.46 -10.51 -9.79
N LEU A 337 5.56 -10.54 -10.54
CA LEU A 337 6.17 -9.27 -11.00
C LEU A 337 5.20 -8.47 -11.87
N MET A 338 4.57 -9.12 -12.85
CA MET A 338 3.60 -8.44 -13.68
C MET A 338 2.46 -7.85 -12.86
N LYS A 339 1.99 -8.57 -11.85
CA LYS A 339 0.91 -8.01 -11.05
C LYS A 339 1.31 -6.84 -10.18
N HIS A 340 2.61 -6.61 -10.03
CA HIS A 340 3.13 -5.40 -9.38
C HIS A 340 3.83 -4.45 -10.35
N ALA A 341 3.39 -4.42 -11.61
CA ALA A 341 3.97 -3.56 -12.63
C ALA A 341 3.85 -2.09 -12.29
N ASP A 342 2.89 -1.77 -11.43
CA ASP A 342 2.74 -0.39 -11.01
C ASP A 342 3.91 0.11 -10.14
N ARG A 343 4.60 -0.79 -9.44
CA ARG A 343 5.69 -0.40 -8.54
C ARG A 343 7.01 -1.15 -8.73
N VAL A 344 7.01 -2.33 -9.36
CA VAL A 344 8.25 -3.02 -9.73
C VAL A 344 8.56 -2.67 -11.19
N LYS A 345 9.63 -1.90 -11.39
CA LYS A 345 9.99 -1.32 -12.69
C LYS A 345 11.24 -1.98 -13.31
N ILE A 346 12.02 -2.67 -12.49
CA ILE A 346 13.16 -3.45 -12.94
C ILE A 346 13.17 -4.76 -12.18
N ALA A 347 13.57 -5.84 -12.84
CA ALA A 347 13.80 -7.11 -12.20
C ALA A 347 14.86 -7.89 -12.97
N CYS A 348 15.65 -8.66 -12.24
CA CYS A 348 16.77 -9.38 -12.79
C CYS A 348 16.74 -10.84 -12.35
N LEU A 349 16.50 -11.73 -13.31
CA LEU A 349 16.68 -13.16 -13.07
C LEU A 349 18.16 -13.41 -12.78
N ALA A 350 18.47 -13.94 -11.60
CA ALA A 350 19.83 -14.14 -11.15
C ALA A 350 20.14 -15.60 -11.32
N GLN A 351 21.02 -16.01 -12.23
CA GLN A 351 21.80 -15.14 -13.15
C GLN A 351 21.57 -15.70 -14.57
N LEU A 352 22.22 -15.12 -15.57
CA LEU A 352 21.85 -15.39 -16.96
C LEU A 352 22.53 -16.62 -17.57
N VAL A 353 23.79 -16.88 -17.23
CA VAL A 353 24.56 -17.93 -17.87
C VAL A 353 25.35 -18.72 -16.81
N ASN A 354 25.15 -20.05 -16.79
CA ASN A 354 25.85 -21.02 -15.91
C ASN A 354 25.52 -20.95 -14.43
N VAL A 355 25.54 -19.74 -13.90
CA VAL A 355 25.28 -19.46 -12.49
C VAL A 355 23.78 -19.33 -12.30
N ILE A 356 23.20 -20.32 -11.61
CA ILE A 356 21.75 -20.39 -11.33
C ILE A 356 20.99 -19.80 -12.50
N ALA A 357 21.13 -20.46 -13.64
CA ALA A 357 20.90 -19.83 -14.92
C ALA A 357 19.95 -20.60 -15.82
N PRO A 358 19.22 -19.87 -16.65
CA PRO A 358 18.40 -20.49 -17.71
C PRO A 358 19.19 -21.04 -18.89
N ILE A 359 20.45 -20.61 -19.05
CA ILE A 359 21.35 -21.06 -20.09
C ILE A 359 22.58 -21.68 -19.42
N MET A 360 22.94 -22.88 -19.86
CA MET A 360 24.11 -23.58 -19.37
C MET A 360 25.04 -23.92 -20.51
N THR A 361 26.34 -24.00 -20.24
CA THR A 361 27.31 -24.32 -21.27
C THR A 361 28.26 -25.39 -20.81
N GLU A 362 28.87 -26.05 -21.78
CA GLU A 362 29.99 -26.96 -21.56
C GLU A 362 31.20 -26.42 -22.28
N LYS A 363 32.37 -26.59 -21.66
CA LYS A 363 33.64 -26.15 -22.24
C LYS A 363 33.84 -26.80 -23.60
N ASN A 364 34.13 -25.99 -24.62
CA ASN A 364 34.30 -26.42 -26.01
C ASN A 364 33.09 -27.13 -26.61
N GLY A 365 31.96 -27.03 -25.93
CA GLY A 365 30.78 -27.85 -26.20
C GLY A 365 29.54 -26.99 -26.28
N PRO A 366 28.37 -27.61 -26.16
CA PRO A 366 27.11 -26.89 -26.42
C PRO A 366 26.62 -26.01 -25.28
N ALA A 367 25.71 -25.13 -25.65
CA ALA A 367 24.91 -24.31 -24.74
C ALA A 367 23.47 -24.82 -24.88
N TRP A 368 22.76 -24.90 -23.76
CA TRP A 368 21.40 -25.44 -23.77
C TRP A 368 20.49 -24.72 -22.78
N LYS A 369 19.20 -24.93 -23.00
CA LYS A 369 18.14 -24.24 -22.29
C LYS A 369 17.61 -25.09 -21.14
N GLN A 370 17.77 -24.57 -19.91
CA GLN A 370 17.20 -25.18 -18.73
C GLN A 370 15.69 -25.09 -18.77
N THR A 371 15.01 -25.86 -17.93
CA THR A 371 13.56 -25.78 -17.84
C THR A 371 13.06 -24.36 -17.64
N ILE A 372 13.76 -23.58 -16.82
CA ILE A 372 13.27 -22.24 -16.49
C ILE A 372 13.36 -21.25 -17.64
N TYR A 373 14.16 -21.58 -18.66
CA TYR A 373 14.27 -20.75 -19.84
C TYR A 373 12.91 -20.44 -20.45
N TYR A 374 12.04 -21.44 -20.52
CA TYR A 374 10.81 -21.29 -21.28
C TYR A 374 9.82 -20.28 -20.72
N PRO A 375 9.45 -20.39 -19.46
CA PRO A 375 8.54 -19.40 -18.87
C PRO A 375 9.12 -18.00 -18.94
N PHE A 376 10.43 -17.87 -18.71
CA PHE A 376 11.11 -16.58 -18.80
C PHE A 376 10.98 -16.02 -20.20
N MET A 377 11.28 -16.86 -21.18
CA MET A 377 11.14 -16.46 -22.57
C MET A 377 9.72 -15.99 -22.91
N HIS A 378 8.71 -16.76 -22.50
CA HIS A 378 7.31 -16.44 -22.84
C HIS A 378 6.87 -15.13 -22.20
N ALA A 379 7.25 -14.94 -20.94
CA ALA A 379 6.92 -13.70 -20.22
C ALA A 379 7.56 -12.51 -20.90
N SER A 380 8.82 -12.66 -21.26
CA SER A 380 9.55 -11.55 -21.87
C SER A 380 9.01 -11.21 -23.26
N VAL A 381 8.76 -12.24 -24.05
CA VAL A 381 8.40 -12.06 -25.45
C VAL A 381 6.93 -11.64 -25.59
N TYR A 382 6.04 -12.27 -24.81
CA TYR A 382 4.58 -11.98 -24.91
C TYR A 382 3.97 -11.03 -23.83
N GLY A 383 4.80 -10.57 -22.89
CA GLY A 383 4.33 -9.83 -21.74
C GLY A 383 4.69 -8.37 -21.75
N ARG A 384 4.73 -7.78 -22.93
CA ARG A 384 4.93 -6.35 -23.07
C ARG A 384 3.56 -5.73 -23.32
N GLY A 385 3.25 -4.65 -22.61
CA GLY A 385 1.98 -3.95 -22.74
C GLY A 385 1.50 -3.51 -21.37
N VAL A 386 0.18 -3.55 -21.16
CA VAL A 386 -0.43 -3.10 -19.92
C VAL A 386 -0.89 -4.32 -19.14
N ALA A 387 -0.44 -4.44 -17.89
CA ALA A 387 -0.93 -5.49 -16.99
C ALA A 387 -2.33 -5.14 -16.47
N LEU A 388 -3.28 -6.06 -16.65
CA LEU A 388 -4.67 -5.85 -16.22
C LEU A 388 -4.90 -6.42 -14.85
N HIS A 389 -5.76 -5.76 -14.08
CA HIS A 389 -6.12 -6.28 -12.79
C HIS A 389 -6.96 -7.55 -12.94
N PRO A 390 -6.47 -8.64 -12.35
CA PRO A 390 -7.23 -9.89 -12.36
C PRO A 390 -8.30 -9.83 -11.28
N VAL A 391 -9.53 -10.14 -11.68
CA VAL A 391 -10.54 -10.52 -10.72
C VAL A 391 -10.74 -11.99 -10.98
N ILE A 392 -10.21 -12.76 -10.05
CA ILE A 392 -10.16 -14.17 -10.18
C ILE A 392 -11.07 -14.70 -9.12
N SER A 393 -11.92 -15.64 -9.52
CA SER A 393 -12.53 -16.54 -8.56
C SER A 393 -11.96 -17.90 -8.87
N SER A 394 -11.16 -18.40 -7.96
CA SER A 394 -10.51 -19.68 -8.17
C SER A 394 -10.67 -20.51 -6.92
N PRO A 395 -10.68 -21.82 -7.06
CA PRO A 395 -10.64 -22.72 -5.91
C PRO A 395 -9.29 -22.56 -5.27
N LYS A 396 -9.14 -23.08 -4.07
CA LYS A 396 -7.94 -22.83 -3.29
C LYS A 396 -7.59 -24.01 -2.40
N TYR A 397 -6.37 -24.00 -1.87
CA TYR A 397 -5.86 -25.08 -1.02
C TYR A 397 -4.92 -24.60 0.09
N ASP A 398 -4.78 -25.42 1.12
CA ASP A 398 -3.88 -25.13 2.22
C ASP A 398 -2.69 -26.02 2.08
N SER A 399 -1.53 -25.47 2.44
CA SER A 399 -0.27 -26.18 2.52
C SER A 399 0.34 -25.86 3.89
N LYS A 400 1.54 -26.36 4.14
CA LYS A 400 2.21 -26.18 5.42
C LYS A 400 2.29 -24.70 5.84
N ASP A 401 2.77 -23.84 4.94
CA ASP A 401 3.06 -22.45 5.26
C ASP A 401 2.04 -21.45 4.71
N PHE A 402 1.03 -21.94 4.00
CA PHE A 402 0.12 -21.05 3.31
C PHE A 402 -1.32 -21.52 3.38
N THR A 403 -2.24 -20.57 3.50
CA THR A 403 -3.67 -20.87 3.48
C THR A 403 -4.34 -20.13 2.33
N ASP A 404 -5.39 -20.72 1.77
CA ASP A 404 -6.14 -20.12 0.67
C ASP A 404 -5.26 -19.81 -0.56
N VAL A 405 -4.33 -20.71 -0.86
CA VAL A 405 -3.55 -20.66 -2.09
C VAL A 405 -4.45 -20.92 -3.29
N PRO A 406 -4.61 -19.96 -4.20
CA PRO A 406 -5.40 -20.20 -5.40
C PRO A 406 -4.73 -21.24 -6.28
N TYR A 407 -5.49 -22.18 -6.81
CA TYR A 407 -4.92 -23.10 -7.79
C TYR A 407 -4.50 -22.32 -9.03
N LEU A 408 -5.25 -21.27 -9.37
CA LEU A 408 -4.96 -20.44 -10.54
C LEU A 408 -4.08 -19.28 -10.15
N GLU A 409 -2.91 -19.18 -10.79
CA GLU A 409 -2.06 -17.98 -10.74
C GLU A 409 -2.05 -17.45 -12.15
N SER A 410 -2.53 -16.23 -12.32
CA SER A 410 -2.73 -15.73 -13.65
C SER A 410 -2.91 -14.22 -13.74
N ILE A 411 -2.54 -13.70 -14.90
CA ILE A 411 -2.75 -12.31 -15.27
C ILE A 411 -2.79 -12.19 -16.78
N ALA A 412 -3.46 -11.17 -17.27
CA ALA A 412 -3.48 -10.86 -18.69
C ALA A 412 -2.70 -9.58 -18.94
N VAL A 413 -2.03 -9.53 -20.08
CA VAL A 413 -1.32 -8.33 -20.51
C VAL A 413 -1.90 -7.92 -21.85
N TYR A 414 -2.33 -6.66 -21.96
CA TYR A 414 -2.95 -6.14 -23.17
C TYR A 414 -1.97 -5.20 -23.87
N ASN A 415 -1.64 -5.58 -25.10
CA ASN A 415 -0.78 -4.78 -25.95
C ASN A 415 -1.62 -4.10 -27.02
N GLU A 416 -1.92 -2.82 -26.82
CA GLU A 416 -2.77 -2.05 -27.74
C GLU A 416 -2.17 -1.85 -29.15
N GLU A 417 -0.85 -1.71 -29.22
CA GLU A 417 -0.14 -1.49 -30.47
C GLU A 417 -0.24 -2.73 -31.39
N LYS A 418 0.08 -3.90 -30.85
CA LYS A 418 -0.03 -5.16 -31.57
C LYS A 418 -1.45 -5.72 -31.58
N GLU A 419 -2.35 -5.07 -30.84
CA GLU A 419 -3.74 -5.53 -30.66
C GLU A 419 -3.79 -6.99 -30.25
N GLU A 420 -3.10 -7.30 -29.15
CA GLU A 420 -3.04 -8.64 -28.58
C GLU A 420 -3.29 -8.59 -27.06
N VAL A 421 -3.86 -9.67 -26.55
CA VAL A 421 -4.06 -9.88 -25.13
C VAL A 421 -3.50 -11.27 -24.84
N THR A 422 -2.63 -11.36 -23.84
CA THR A 422 -1.98 -12.60 -23.47
C THR A 422 -2.28 -12.95 -22.04
N ILE A 423 -2.75 -14.17 -21.84
CA ILE A 423 -3.09 -14.67 -20.54
C ILE A 423 -2.03 -15.68 -20.13
N PHE A 424 -1.30 -15.32 -19.08
CA PHE A 424 -0.33 -16.21 -18.47
C PHE A 424 -1.05 -16.87 -17.33
N ALA A 425 -0.85 -18.18 -17.17
CA ALA A 425 -1.61 -18.91 -16.16
C ALA A 425 -0.93 -20.22 -15.79
N VAL A 426 -0.67 -20.36 -14.50
CA VAL A 426 -0.23 -21.59 -13.91
C VAL A 426 -1.44 -22.23 -13.18
N ASN A 427 -1.62 -23.54 -13.40
CA ASN A 427 -2.46 -24.38 -12.55
C ASN A 427 -1.54 -25.18 -11.62
N ARG A 428 -1.61 -24.89 -10.31
CA ARG A 428 -0.76 -25.55 -9.31
C ARG A 428 -1.32 -26.92 -8.88
N ASP A 429 -2.56 -27.20 -9.27
CA ASP A 429 -3.23 -28.46 -8.91
C ASP A 429 -2.36 -29.61 -9.39
N MET A 430 -1.94 -30.42 -8.44
CA MET A 430 -1.08 -31.57 -8.67
C MET A 430 -1.81 -32.81 -9.24
N GLU A 431 -3.13 -32.77 -9.30
CA GLU A 431 -3.89 -33.94 -9.76
C GLU A 431 -4.96 -33.67 -10.83
N ASP A 432 -5.50 -32.45 -10.87
CA ASP A 432 -6.65 -32.17 -11.72
C ASP A 432 -6.46 -30.95 -12.65
N ALA A 433 -6.98 -31.09 -13.87
CA ALA A 433 -7.15 -29.96 -14.76
C ALA A 433 -8.03 -28.87 -14.10
N LEU A 434 -7.86 -27.65 -14.59
CA LEU A 434 -8.60 -26.52 -14.15
C LEU A 434 -9.27 -25.88 -15.37
N LEU A 435 -10.60 -25.83 -15.38
CA LEU A 435 -11.33 -25.23 -16.49
C LEU A 435 -11.44 -23.74 -16.28
N LEU A 436 -10.70 -22.97 -17.07
CA LEU A 436 -10.66 -21.53 -16.92
C LEU A 436 -11.69 -20.88 -17.86
N GLU A 437 -12.48 -19.97 -17.31
CA GLU A 437 -13.40 -19.18 -18.11
C GLU A 437 -13.04 -17.69 -17.97
N CYS A 438 -12.80 -17.00 -19.09
CA CYS A 438 -12.43 -15.59 -19.08
C CYS A 438 -13.43 -14.72 -19.81
N ASP A 439 -13.95 -13.71 -19.12
CA ASP A 439 -14.89 -12.77 -19.69
C ASP A 439 -14.12 -11.66 -20.42
N VAL A 440 -14.04 -11.77 -21.75
CA VAL A 440 -13.41 -10.75 -22.60
C VAL A 440 -14.41 -9.92 -23.42
N ARG A 441 -15.55 -9.58 -22.81
CA ARG A 441 -16.52 -8.68 -23.44
C ARG A 441 -15.87 -7.35 -23.87
N SER A 442 -14.91 -6.89 -23.06
CA SER A 442 -14.20 -5.64 -23.34
C SER A 442 -13.31 -5.70 -24.60
N PHE A 443 -13.04 -6.90 -25.11
CA PHE A 443 -12.23 -7.07 -26.32
C PHE A 443 -13.03 -7.60 -27.51
N GLU A 444 -13.52 -6.68 -28.34
CA GLU A 444 -14.31 -7.02 -29.54
C GLU A 444 -13.43 -7.52 -30.68
N ASP A 445 -13.89 -8.56 -31.39
CA ASP A 445 -13.24 -9.07 -32.60
C ASP A 445 -11.95 -9.86 -32.33
N TYR A 446 -11.77 -10.31 -31.08
CA TYR A 446 -10.57 -11.03 -30.72
C TYR A 446 -10.80 -12.51 -30.97
N ARG A 447 -9.72 -13.21 -31.26
CA ARG A 447 -9.73 -14.66 -31.44
C ARG A 447 -8.51 -15.22 -30.75
N VAL A 448 -8.49 -16.53 -30.61
CA VAL A 448 -7.35 -17.24 -30.06
C VAL A 448 -6.31 -17.53 -31.15
N ILE A 449 -5.12 -16.95 -30.99
CA ILE A 449 -4.00 -17.25 -31.87
C ILE A 449 -3.44 -18.62 -31.56
N GLU A 450 -3.11 -18.85 -30.30
CA GLU A 450 -2.58 -20.15 -29.86
C GLU A 450 -2.61 -20.28 -28.36
N HIS A 451 -2.42 -21.51 -27.89
CA HIS A 451 -2.40 -21.78 -26.46
C HIS A 451 -1.20 -22.63 -26.20
N ILE A 452 -0.11 -22.00 -25.70
CA ILE A 452 1.14 -22.70 -25.39
C ILE A 452 1.05 -23.30 -24.00
N VAL A 453 1.58 -24.50 -23.83
CA VAL A 453 1.55 -25.23 -22.57
C VAL A 453 2.91 -25.84 -22.32
N LEU A 454 3.41 -25.69 -21.10
CA LEU A 454 4.59 -26.39 -20.63
C LEU A 454 4.15 -27.31 -19.51
N GLU A 455 4.42 -28.60 -19.69
CA GLU A 455 3.98 -29.65 -18.78
C GLU A 455 4.87 -30.87 -18.93
N HIS A 456 5.09 -31.57 -17.83
CA HIS A 456 5.73 -32.89 -17.84
C HIS A 456 5.18 -33.64 -16.63
N ASP A 457 4.95 -34.94 -16.81
CA ASP A 457 4.41 -35.83 -15.77
C ASP A 457 5.25 -35.92 -14.51
N ASN A 458 6.53 -35.57 -14.65
CA ASN A 458 7.48 -35.73 -13.58
C ASN A 458 8.05 -34.36 -13.19
N VAL A 459 7.68 -33.86 -12.02
CA VAL A 459 8.12 -32.54 -11.57
C VAL A 459 9.62 -32.41 -11.36
N LYS A 460 10.32 -33.52 -11.12
CA LYS A 460 11.78 -33.55 -10.96
C LYS A 460 12.59 -33.76 -12.24
N GLN A 461 11.91 -33.87 -13.38
CA GLN A 461 12.61 -34.04 -14.66
C GLN A 461 13.44 -32.81 -14.98
N THR A 462 14.72 -33.00 -15.31
CA THR A 462 15.59 -31.91 -15.78
C THR A 462 15.77 -31.94 -17.30
N ASN A 463 16.26 -30.82 -17.84
CA ASN A 463 16.80 -30.76 -19.19
C ASN A 463 18.31 -30.96 -19.09
N SER A 464 18.95 -31.20 -20.23
CA SER A 464 20.41 -31.40 -20.32
C SER A 464 20.96 -31.08 -21.72
N ALA A 465 22.28 -31.17 -21.90
CA ALA A 465 22.91 -30.81 -23.18
C ALA A 465 22.48 -31.79 -24.28
N GLN A 466 22.17 -33.02 -23.85
CA GLN A 466 21.91 -34.15 -24.74
C GLN A 466 20.41 -34.37 -25.06
N SER A 467 19.53 -34.08 -24.10
CA SER A 467 18.09 -34.16 -24.35
C SER A 467 17.28 -33.23 -23.47
N SER A 468 16.22 -32.69 -24.04
CA SER A 468 15.32 -31.80 -23.34
C SER A 468 13.89 -32.35 -23.32
N PRO A 469 13.58 -33.22 -22.37
CA PRO A 469 12.21 -33.71 -22.19
C PRO A 469 11.19 -32.63 -21.82
N VAL A 470 11.66 -31.55 -21.20
CA VAL A 470 10.80 -30.48 -20.74
C VAL A 470 10.83 -29.32 -21.73
N VAL A 471 9.84 -29.27 -22.63
CA VAL A 471 9.72 -28.22 -23.63
C VAL A 471 8.26 -27.86 -23.89
N PRO A 472 7.97 -26.63 -24.28
CA PRO A 472 6.59 -26.23 -24.55
C PRO A 472 6.00 -26.95 -25.77
N HIS A 473 4.68 -27.12 -25.77
CA HIS A 473 3.94 -27.47 -26.99
C HIS A 473 2.79 -26.47 -27.19
N ARG A 474 2.16 -26.50 -28.37
CA ARG A 474 1.16 -25.47 -28.75
C ARG A 474 -0.25 -26.05 -28.96
N ASN A 475 -0.50 -27.19 -28.32
CA ASN A 475 -1.75 -27.93 -28.44
C ASN A 475 -2.70 -27.67 -27.27
N GLY A 476 -2.70 -26.45 -26.74
CA GLY A 476 -3.69 -26.09 -25.74
C GLY A 476 -5.02 -25.80 -26.40
N ASP A 477 -6.11 -26.01 -25.67
CA ASP A 477 -7.45 -26.01 -26.30
C ASP A 477 -8.26 -24.72 -26.13
N ALA A 478 -7.60 -23.63 -25.77
CA ALA A 478 -8.30 -22.37 -25.57
C ALA A 478 -9.11 -22.02 -26.81
N GLN A 479 -10.38 -21.67 -26.60
CA GLN A 479 -11.28 -21.20 -27.66
C GLN A 479 -12.08 -20.01 -27.15
N LEU A 480 -12.33 -19.06 -28.03
CA LEU A 480 -13.10 -17.86 -27.71
C LEU A 480 -14.46 -17.91 -28.45
N SER A 481 -15.55 -17.98 -27.69
CA SER A 481 -16.91 -17.92 -28.22
C SER A 481 -17.84 -17.13 -27.30
N ASP A 482 -18.65 -16.27 -27.92
CA ASP A 482 -19.58 -15.37 -27.24
C ASP A 482 -18.88 -14.53 -26.14
N ARG A 483 -17.77 -13.90 -26.52
CA ARG A 483 -17.03 -13.01 -25.64
C ARG A 483 -16.45 -13.70 -24.41
N LYS A 484 -16.20 -15.01 -24.51
CA LYS A 484 -15.63 -15.79 -23.41
C LYS A 484 -14.52 -16.76 -23.87
N VAL A 485 -13.35 -16.68 -23.24
CA VAL A 485 -12.31 -17.67 -23.48
C VAL A 485 -12.47 -18.83 -22.50
N SER A 486 -12.61 -20.04 -23.04
CA SER A 486 -12.64 -21.26 -22.23
C SER A 486 -11.40 -22.06 -22.58
N ALA A 487 -10.61 -22.40 -21.57
CA ALA A 487 -9.40 -23.18 -21.79
C ALA A 487 -9.24 -24.17 -20.67
N THR A 488 -8.69 -25.34 -21.00
CA THR A 488 -8.34 -26.38 -20.04
C THR A 488 -6.87 -26.20 -19.71
N LEU A 489 -6.58 -25.86 -18.47
CA LEU A 489 -5.21 -25.76 -18.01
C LEU A 489 -4.90 -27.10 -17.37
N PRO A 490 -4.05 -27.92 -18.01
CA PRO A 490 -3.71 -29.24 -17.46
C PRO A 490 -3.20 -29.10 -16.07
N LYS A 491 -3.08 -30.20 -15.34
CA LYS A 491 -2.57 -30.16 -13.97
C LYS A 491 -1.11 -29.75 -14.06
N LEU A 492 -0.63 -28.98 -13.07
CA LEU A 492 0.79 -28.59 -12.99
C LEU A 492 1.27 -28.10 -14.34
N SER A 493 0.67 -27.02 -14.82
CA SER A 493 0.97 -26.52 -16.13
C SER A 493 1.19 -25.00 -16.15
N TRP A 494 2.13 -24.58 -17.00
CA TRP A 494 2.35 -23.19 -17.34
C TRP A 494 1.64 -23.00 -18.70
N ASN A 495 0.83 -21.95 -18.80
CA ASN A 495 0.03 -21.67 -19.98
C ASN A 495 0.19 -20.26 -20.46
N VAL A 496 0.22 -20.09 -21.78
CA VAL A 496 0.29 -18.78 -22.41
C VAL A 496 -0.78 -18.81 -23.48
N ILE A 497 -1.90 -18.12 -23.23
CA ILE A 497 -3.01 -18.04 -24.16
C ILE A 497 -2.94 -16.69 -24.83
N ARG A 498 -2.72 -16.73 -26.13
CA ARG A 498 -2.51 -15.54 -26.92
C ARG A 498 -3.75 -15.25 -27.77
N LEU A 499 -4.29 -14.05 -27.63
CA LEU A 499 -5.42 -13.55 -28.38
C LEU A 499 -5.00 -12.38 -29.28
N GLY A 500 -5.69 -12.24 -30.41
CA GLY A 500 -5.41 -11.17 -31.36
C GLY A 500 -6.59 -10.79 -32.23
N LYS A 501 -6.32 -10.02 -33.27
CA LYS A 501 -7.34 -9.44 -34.17
C LYS A 501 -8.43 -8.73 -33.39
N LYS B 5 -18.87 15.48 -19.65
CA LYS B 5 -19.22 14.07 -19.54
C LYS B 5 -18.26 13.36 -18.58
N ALA B 6 -18.79 12.43 -17.78
CA ALA B 6 -17.98 11.48 -17.00
C ALA B 6 -18.58 10.09 -17.09
N THR B 7 -17.74 9.07 -17.07
CA THR B 7 -18.19 7.68 -17.04
C THR B 7 -17.66 6.96 -15.81
N MET B 8 -18.30 5.84 -15.48
CA MET B 8 -18.02 5.09 -14.26
C MET B 8 -18.51 3.67 -14.45
N ILE B 9 -17.64 2.68 -14.29
CA ILE B 9 -18.08 1.28 -14.32
C ILE B 9 -18.47 0.88 -12.91
N ILE B 10 -19.59 0.20 -12.80
CA ILE B 10 -20.08 -0.27 -11.53
C ILE B 10 -20.14 -1.77 -11.66
N GLU B 11 -18.99 -2.38 -11.40
CA GLU B 11 -18.81 -3.83 -11.50
C GLU B 11 -18.92 -4.51 -10.14
N LYS B 12 -20.00 -5.28 -10.01
CA LYS B 12 -20.26 -6.11 -8.85
C LYS B 12 -19.04 -6.91 -8.36
N ASP B 13 -18.28 -7.46 -9.29
CA ASP B 13 -17.18 -8.35 -8.95
C ASP B 13 -15.84 -7.64 -8.68
N PHE B 14 -15.78 -6.33 -8.80
CA PHE B 14 -14.57 -5.59 -8.45
C PHE B 14 -14.83 -4.80 -7.20
N LYS B 15 -14.48 -5.41 -6.07
CA LYS B 15 -14.85 -4.95 -4.75
C LYS B 15 -13.63 -4.44 -3.98
N ILE B 16 -13.79 -3.39 -3.20
CA ILE B 16 -12.80 -2.97 -2.21
C ILE B 16 -12.91 -3.79 -0.94
N ALA B 17 -14.05 -3.68 -0.26
CA ALA B 17 -14.30 -4.40 0.97
C ALA B 17 -15.69 -4.10 1.48
N GLU B 18 -16.17 -4.96 2.36
CA GLU B 18 -17.31 -4.67 3.19
C GLU B 18 -16.99 -3.44 4.05
N ILE B 19 -17.91 -2.47 4.02
CA ILE B 19 -17.80 -1.29 4.86
C ILE B 19 -18.15 -1.66 6.29
N ASP B 20 -17.24 -1.35 7.20
CA ASP B 20 -17.52 -1.46 8.61
C ASP B 20 -18.41 -0.28 8.98
N LYS B 21 -19.57 -0.54 9.58
CA LYS B 21 -20.51 0.55 9.88
C LYS B 21 -19.91 1.58 10.79
N ARG B 22 -18.89 1.19 11.56
CA ARG B 22 -18.23 2.14 12.46
C ARG B 22 -17.51 3.30 11.77
N ILE B 23 -17.38 3.29 10.45
CA ILE B 23 -16.87 4.47 9.72
C ILE B 23 -17.87 5.62 9.70
N TYR B 24 -19.10 5.35 10.16
CA TYR B 24 -20.13 6.41 10.35
C TYR B 24 -20.28 6.80 11.81
N GLY B 25 -19.18 6.67 12.57
CA GLY B 25 -19.19 7.03 13.96
C GLY B 25 -19.04 8.51 14.18
N SER B 26 -19.08 8.93 15.44
CA SER B 26 -18.85 10.32 15.82
C SER B 26 -18.15 10.36 17.19
N PHE B 27 -18.28 11.48 17.88
CA PHE B 27 -17.36 11.88 18.96
C PHE B 27 -18.01 12.98 19.77
N ILE B 28 -18.06 12.78 21.08
CA ILE B 28 -18.40 13.85 22.01
C ILE B 28 -17.33 13.97 23.09
N GLU B 29 -16.80 15.17 23.20
CA GLU B 29 -15.87 15.60 24.22
C GLU B 29 -16.58 16.44 25.28
N HIS B 30 -16.01 16.44 26.51
CA HIS B 30 -16.34 17.45 27.52
C HIS B 30 -15.68 18.75 27.06
N LEU B 31 -16.35 19.41 26.13
CA LEU B 31 -15.84 20.58 25.42
C LEU B 31 -17.05 21.49 25.16
N GLY B 32 -16.98 22.73 25.57
CA GLY B 32 -18.05 23.70 25.35
C GLY B 32 -19.43 23.20 25.74
N ARG B 33 -20.36 23.26 24.79
CA ARG B 33 -21.72 22.86 25.01
C ARG B 33 -22.07 21.49 24.38
N ALA B 34 -21.06 20.67 24.10
CA ALA B 34 -21.31 19.32 23.58
C ALA B 34 -22.12 18.50 24.57
N VAL B 35 -21.68 18.48 25.84
CA VAL B 35 -22.42 17.81 26.90
C VAL B 35 -23.44 18.78 27.51
N TYR B 36 -22.95 19.80 28.19
CA TYR B 36 -23.78 20.71 28.96
C TYR B 36 -24.44 21.73 28.02
N GLY B 37 -25.71 21.50 27.76
CA GLY B 37 -26.44 22.27 26.79
C GLY B 37 -26.53 21.60 25.42
N GLY B 38 -25.95 20.41 25.28
CA GLY B 38 -25.98 19.66 24.03
C GLY B 38 -26.81 18.43 24.28
N ILE B 39 -26.16 17.33 24.66
CA ILE B 39 -26.89 16.11 24.98
C ILE B 39 -27.72 16.21 26.27
N TYR B 40 -27.27 17.07 27.20
CA TYR B 40 -27.76 17.13 28.58
C TYR B 40 -28.15 18.56 28.97
N GLU B 41 -29.44 18.76 29.23
CA GLU B 41 -29.92 20.06 29.63
C GLU B 41 -31.15 19.85 30.50
N PRO B 42 -30.94 19.72 31.80
CA PRO B 42 -32.07 19.61 32.73
C PRO B 42 -32.93 20.87 32.62
N GLY B 43 -34.24 20.73 32.79
CA GLY B 43 -35.09 21.91 32.67
C GLY B 43 -35.54 22.17 31.26
N HIS B 44 -34.78 21.76 30.23
CA HIS B 44 -35.25 21.97 28.84
C HIS B 44 -36.61 21.30 28.70
N PRO B 45 -37.53 21.90 27.93
CA PRO B 45 -38.86 21.30 27.71
C PRO B 45 -38.83 19.87 27.20
N GLN B 46 -37.84 19.54 26.36
CA GLN B 46 -37.75 18.21 25.76
C GLN B 46 -36.78 17.29 26.53
N ALA B 47 -36.37 17.67 27.73
CA ALA B 47 -35.48 16.86 28.54
C ALA B 47 -36.25 15.70 29.14
N ASP B 48 -35.67 14.51 29.11
CA ASP B 48 -36.27 13.36 29.72
C ASP B 48 -35.99 13.34 31.23
N GLU B 49 -36.34 12.25 31.90
CA GLU B 49 -36.23 12.15 33.36
C GLU B 49 -34.77 12.17 33.86
N ASN B 50 -33.82 11.82 32.99
CA ASN B 50 -32.39 11.89 33.29
C ASN B 50 -31.69 13.16 32.82
N GLY B 51 -32.48 14.10 32.27
CA GLY B 51 -32.00 15.41 31.86
C GLY B 51 -31.54 15.49 30.41
N PHE B 52 -31.69 14.41 29.65
CA PHE B 52 -31.22 14.37 28.27
C PHE B 52 -32.25 14.94 27.30
N ARG B 53 -31.80 15.82 26.43
CA ARG B 53 -32.65 16.40 25.39
C ARG B 53 -33.14 15.36 24.41
N GLN B 54 -34.46 15.16 24.38
CA GLN B 54 -35.07 14.19 23.48
C GLN B 54 -34.92 14.62 22.01
N ASP B 55 -34.92 15.92 21.75
CA ASP B 55 -34.82 16.37 20.37
C ASP B 55 -33.46 16.00 19.77
N VAL B 56 -32.41 16.20 20.56
CA VAL B 56 -31.05 15.81 20.18
C VAL B 56 -30.94 14.30 19.99
N ILE B 57 -31.54 13.55 20.91
CA ILE B 57 -31.63 12.09 20.80
C ILE B 57 -32.21 11.67 19.46
N GLU B 58 -33.35 12.24 19.07
CA GLU B 58 -33.93 11.92 17.78
C GLU B 58 -33.05 12.27 16.55
N LEU B 59 -32.34 13.40 16.61
CA LEU B 59 -31.49 13.83 15.50
C LEU B 59 -30.28 12.92 15.31
N VAL B 60 -29.74 12.45 16.42
CA VAL B 60 -28.65 11.50 16.41
C VAL B 60 -29.14 10.11 15.90
N LYS B 61 -30.32 9.66 16.33
CA LYS B 61 -30.84 8.38 15.87
C LYS B 61 -30.99 8.35 14.35
N GLU B 62 -31.49 9.46 13.80
CA GLU B 62 -31.70 9.59 12.37
C GLU B 62 -30.38 9.48 11.56
N LEU B 63 -29.27 9.89 12.18
CA LEU B 63 -27.94 9.71 11.59
C LEU B 63 -27.40 8.26 11.65
N GLN B 64 -27.98 7.44 12.52
CA GLN B 64 -27.63 6.02 12.68
C GLN B 64 -26.16 5.84 12.99
N VAL B 65 -25.68 6.67 13.90
CA VAL B 65 -24.29 6.64 14.36
C VAL B 65 -24.09 5.38 15.18
N PRO B 66 -23.26 4.43 14.75
CA PRO B 66 -23.07 3.22 15.55
C PRO B 66 -22.14 3.30 16.76
N ILE B 67 -21.22 4.25 16.80
CA ILE B 67 -20.18 4.31 17.83
C ILE B 67 -19.80 5.76 18.06
N ILE B 68 -19.61 6.13 19.31
CA ILE B 68 -19.24 7.48 19.67
C ILE B 68 -18.05 7.47 20.62
N ARG B 69 -17.01 8.16 20.23
CA ARG B 69 -15.79 8.31 21.01
C ARG B 69 -16.06 9.31 22.13
N TYR B 70 -15.47 9.06 23.30
CA TYR B 70 -15.79 9.80 24.51
C TYR B 70 -14.72 9.48 25.59
N PRO B 71 -14.32 10.38 26.49
CA PRO B 71 -14.72 11.80 26.62
C PRO B 71 -13.76 12.79 25.96
N GLY B 72 -12.78 12.33 25.21
CA GLY B 72 -11.81 13.22 24.57
C GLY B 72 -10.83 12.45 23.70
N GLY B 73 -10.02 13.12 22.89
CA GLY B 73 -9.88 14.57 22.84
C GLY B 73 -8.98 15.11 23.94
N ASN B 74 -8.53 16.34 23.74
CA ASN B 74 -7.63 17.03 24.64
C ASN B 74 -8.02 16.95 26.12
N PHE B 75 -9.33 16.98 26.36
CA PHE B 75 -9.87 16.90 27.72
C PHE B 75 -9.42 15.67 28.50
N VAL B 76 -9.36 14.51 27.84
CA VAL B 76 -9.11 13.27 28.58
C VAL B 76 -7.70 13.23 29.19
N SER B 77 -6.76 13.96 28.59
CA SER B 77 -5.33 13.87 28.96
C SER B 77 -5.05 14.49 30.34
N GLY B 78 -6.03 15.24 30.86
CA GLY B 78 -5.96 15.78 32.22
C GLY B 78 -7.09 15.38 33.17
N TYR B 79 -7.89 14.39 32.76
CA TYR B 79 -9.13 14.00 33.43
C TYR B 79 -8.97 12.79 34.31
N ASN B 80 -9.57 12.85 35.50
CA ASN B 80 -9.63 11.69 36.39
C ASN B 80 -11.01 11.07 36.32
N TRP B 81 -11.14 9.84 35.82
CA TRP B 81 -12.45 9.21 35.60
C TRP B 81 -13.25 9.10 36.90
N GLU B 82 -12.54 8.95 38.01
CA GLU B 82 -13.22 8.78 39.31
C GLU B 82 -14.01 10.05 39.71
N ASP B 83 -13.56 11.20 39.21
CA ASP B 83 -14.19 12.50 39.49
C ASP B 83 -15.59 12.58 38.95
N GLY B 84 -15.93 11.72 37.98
CA GLY B 84 -17.19 11.80 37.29
C GLY B 84 -18.15 10.64 37.61
N VAL B 85 -17.78 9.82 38.59
CA VAL B 85 -18.66 8.74 39.06
C VAL B 85 -19.03 8.86 40.55
N GLY B 86 -20.11 8.16 40.92
CA GLY B 86 -20.61 8.13 42.27
C GLY B 86 -21.52 9.30 42.58
N PRO B 87 -21.94 9.46 43.84
CA PRO B 87 -22.85 10.54 44.22
C PRO B 87 -22.35 11.93 43.80
N LYS B 88 -23.26 12.73 43.27
CA LYS B 88 -22.95 14.06 42.74
C LYS B 88 -22.24 14.95 43.77
N GLU B 89 -22.63 14.87 45.04
CA GLU B 89 -22.10 15.80 46.05
C GLU B 89 -20.60 15.64 46.31
N GLN B 90 -20.08 14.44 46.04
CA GLN B 90 -18.65 14.15 46.19
C GLN B 90 -17.84 14.32 44.89
N ARG B 91 -18.48 14.69 43.79
CA ARG B 91 -17.75 14.97 42.55
C ARG B 91 -17.14 16.38 42.59
N PRO B 92 -15.84 16.47 42.39
CA PRO B 92 -15.15 17.75 42.51
C PRO B 92 -15.30 18.59 41.26
N ARG B 93 -15.24 19.90 41.45
CA ARG B 93 -15.14 20.83 40.33
C ARG B 93 -13.68 20.93 39.98
N ARG B 94 -13.37 20.79 38.70
CA ARG B 94 -11.99 20.75 38.22
C ARG B 94 -11.70 21.84 37.20
N LEU B 95 -10.43 22.25 37.16
CA LEU B 95 -9.96 23.12 36.10
C LEU B 95 -9.56 22.23 34.95
N ASP B 96 -10.34 22.29 33.87
CA ASP B 96 -9.97 21.58 32.64
C ASP B 96 -8.98 22.43 31.92
N LEU B 97 -7.72 22.01 31.88
CA LEU B 97 -6.69 22.83 31.23
C LEU B 97 -6.74 22.75 29.71
N ALA B 98 -7.40 21.75 29.16
CA ALA B 98 -7.52 21.64 27.70
C ALA B 98 -8.27 22.84 27.09
N TRP B 99 -9.45 23.14 27.64
CA TRP B 99 -10.33 24.17 27.10
C TRP B 99 -10.53 25.31 28.09
N LYS B 100 -9.66 25.37 29.10
CA LYS B 100 -9.69 26.47 30.07
C LYS B 100 -11.09 26.75 30.61
N SER B 101 -11.76 25.67 31.03
CA SER B 101 -13.10 25.72 31.55
C SER B 101 -13.12 25.11 32.95
N VAL B 102 -14.14 25.42 33.72
CA VAL B 102 -14.40 24.69 34.95
C VAL B 102 -15.36 23.53 34.60
N GLU B 103 -14.90 22.30 34.84
CA GLU B 103 -15.71 21.11 34.63
C GLU B 103 -16.34 20.67 35.96
N THR B 104 -17.68 20.65 36.02
CA THR B 104 -18.33 20.29 37.27
C THR B 104 -18.43 18.78 37.47
N ASN B 105 -18.23 18.01 36.39
CA ASN B 105 -18.40 16.55 36.43
C ASN B 105 -19.81 16.11 36.76
N GLU B 106 -20.78 16.97 36.49
CA GLU B 106 -22.19 16.61 36.73
C GLU B 106 -22.57 15.47 35.82
N ILE B 107 -21.98 15.45 34.62
CA ILE B 107 -21.99 14.26 33.76
C ILE B 107 -20.60 13.57 33.85
N GLY B 108 -20.63 12.28 34.10
CA GLY B 108 -19.44 11.42 34.01
C GLY B 108 -19.78 10.17 33.23
N LEU B 109 -18.91 9.16 33.28
CA LEU B 109 -19.02 8.12 32.30
C LEU B 109 -20.32 7.30 32.39
N ASN B 110 -20.83 7.07 33.59
CA ASN B 110 -22.06 6.26 33.69
C ASN B 110 -23.27 6.97 33.06
N GLU B 111 -23.39 8.27 33.28
CA GLU B 111 -24.44 9.04 32.61
C GLU B 111 -24.21 9.09 31.10
N PHE B 112 -22.95 9.18 30.66
CA PHE B 112 -22.74 9.15 29.23
C PHE B 112 -23.18 7.81 28.64
N MET B 113 -22.92 6.70 29.32
CA MET B 113 -23.35 5.38 28.84
C MET B 113 -24.86 5.31 28.75
N ASP B 114 -25.54 5.89 29.74
CA ASP B 114 -27.03 6.00 29.71
C ASP B 114 -27.49 6.73 28.48
N TRP B 115 -26.84 7.84 28.14
CA TRP B 115 -27.20 8.59 26.93
C TRP B 115 -26.95 7.80 25.64
N ALA B 116 -25.80 7.14 25.58
CA ALA B 116 -25.41 6.34 24.43
C ALA B 116 -26.44 5.25 24.17
N LYS B 117 -26.96 4.66 25.24
CA LYS B 117 -28.00 3.63 25.11
C LYS B 117 -29.25 4.21 24.43
N MET B 118 -29.61 5.43 24.78
CA MET B 118 -30.80 6.04 24.17
C MET B 118 -30.67 6.31 22.68
N VAL B 119 -29.46 6.61 22.20
CA VAL B 119 -29.27 6.80 20.75
C VAL B 119 -28.79 5.52 20.02
N GLY B 120 -28.68 4.41 20.75
CA GLY B 120 -28.33 3.13 20.18
C GLY B 120 -26.88 2.99 19.70
N ALA B 121 -25.99 3.75 20.35
CA ALA B 121 -24.59 3.77 19.98
C ALA B 121 -23.76 3.12 21.05
N GLU B 122 -22.75 2.35 20.63
CA GLU B 122 -21.72 1.92 21.57
C GLU B 122 -20.75 3.06 21.74
N VAL B 123 -19.92 2.95 22.77
CA VAL B 123 -18.99 4.02 23.14
C VAL B 123 -17.56 3.53 22.93
N ASN B 124 -16.78 4.36 22.25
CA ASN B 124 -15.34 4.16 22.11
C ASN B 124 -14.69 5.02 23.23
N MET B 125 -14.38 4.38 24.35
CA MET B 125 -13.96 5.05 25.55
C MET B 125 -12.46 5.30 25.52
N ALA B 126 -12.06 6.53 25.85
CA ALA B 126 -10.66 6.92 25.93
C ALA B 126 -10.16 6.97 27.37
N VAL B 127 -8.93 6.49 27.59
CA VAL B 127 -8.25 6.56 28.89
C VAL B 127 -7.22 7.70 28.86
N ASN B 128 -7.00 8.30 30.00
CA ASN B 128 -6.01 9.35 30.17
C ASN B 128 -4.60 8.73 30.21
N LEU B 129 -3.76 9.00 29.21
CA LEU B 129 -2.31 8.67 29.31
C LEU B 129 -1.45 9.95 29.30
N GLY B 130 -2.02 11.07 29.75
CA GLY B 130 -1.35 12.32 29.89
C GLY B 130 -0.83 12.46 31.31
N THR B 131 -1.71 12.83 32.23
CA THR B 131 -1.36 12.88 33.64
C THR B 131 -1.42 11.52 34.35
N ARG B 132 -2.05 10.53 33.73
CA ARG B 132 -2.17 9.20 34.34
C ARG B 132 -1.57 8.11 33.42
N GLY B 133 -1.72 6.86 33.84
CA GLY B 133 -0.97 5.76 33.25
C GLY B 133 -1.64 4.40 33.36
N ILE B 134 -0.83 3.37 33.57
CA ILE B 134 -1.32 2.04 33.39
C ILE B 134 -2.25 1.62 34.52
N ASP B 135 -2.02 2.13 35.74
CA ASP B 135 -2.89 1.68 36.84
C ASP B 135 -4.34 2.21 36.66
N ALA B 136 -4.48 3.48 36.28
CA ALA B 136 -5.82 4.04 36.06
C ALA B 136 -6.49 3.36 34.87
N ALA B 137 -5.68 2.91 33.91
CA ALA B 137 -6.22 2.27 32.71
C ALA B 137 -6.84 0.94 33.07
N ARG B 138 -6.10 0.09 33.76
CA ARG B 138 -6.68 -1.18 34.15
C ARG B 138 -7.89 -0.99 35.06
N ASN B 139 -7.80 -0.07 35.99
CA ASN B 139 -8.88 0.13 36.95
C ASN B 139 -10.18 0.55 36.24
N LEU B 140 -10.08 1.40 35.23
CA LEU B 140 -11.27 1.83 34.49
C LEU B 140 -11.88 0.71 33.65
N VAL B 141 -11.05 -0.15 33.05
CA VAL B 141 -11.57 -1.26 32.29
C VAL B 141 -12.27 -2.21 33.26
N GLU B 142 -11.69 -2.37 34.46
CA GLU B 142 -12.29 -3.21 35.49
C GLU B 142 -13.65 -2.64 35.89
N TYR B 143 -13.68 -1.36 36.22
CA TYR B 143 -14.86 -0.64 36.65
C TYR B 143 -15.98 -0.82 35.61
N CYS B 144 -15.66 -0.65 34.34
CA CYS B 144 -16.66 -0.71 33.27
C CYS B 144 -17.07 -2.13 32.86
N ASN B 145 -16.13 -3.07 32.81
CA ASN B 145 -16.33 -4.34 32.13
C ASN B 145 -16.33 -5.61 32.99
N HIS B 146 -15.76 -5.56 34.18
CA HIS B 146 -15.67 -6.75 35.03
C HIS B 146 -17.02 -6.91 35.70
N PRO B 147 -17.63 -8.10 35.65
CA PRO B 147 -18.97 -8.29 36.24
C PRO B 147 -19.17 -7.84 37.69
N SER B 148 -18.37 -8.35 38.62
CA SER B 148 -18.55 -8.21 40.05
C SER B 148 -17.45 -8.93 40.79
N GLY B 149 -17.39 -8.73 42.09
CA GLY B 149 -16.50 -9.48 42.94
C GLY B 149 -15.11 -8.89 43.13
N SER B 150 -14.90 -7.67 42.62
CA SER B 150 -13.68 -6.92 42.89
C SER B 150 -14.04 -5.52 43.36
N TYR B 151 -13.08 -4.82 43.95
CA TYR B 151 -13.39 -3.48 44.44
C TYR B 151 -14.00 -2.63 43.34
N TYR B 152 -13.37 -2.57 42.15
CA TYR B 152 -13.83 -1.58 41.15
C TYR B 152 -15.14 -1.98 40.45
N SER B 153 -15.34 -3.28 40.21
CA SER B 153 -16.60 -3.78 39.63
C SER B 153 -17.76 -3.59 40.62
N ASP B 154 -17.54 -3.93 41.88
CA ASP B 154 -18.56 -3.72 42.92
C ASP B 154 -18.83 -2.23 43.14
N LEU B 155 -17.84 -1.39 42.85
CA LEU B 155 -18.04 0.05 42.97
C LEU B 155 -19.01 0.54 41.91
N ARG B 156 -18.87 0.03 40.70
CA ARG B 156 -19.80 0.38 39.61
C ARG B 156 -21.21 -0.04 40.00
N ILE B 157 -21.32 -1.24 40.56
CA ILE B 157 -22.62 -1.76 41.01
C ILE B 157 -23.20 -0.84 42.08
N ALA B 158 -22.38 -0.48 43.08
CA ALA B 158 -22.77 0.47 44.12
C ALA B 158 -23.22 1.83 43.58
N HIS B 159 -22.64 2.25 42.45
CA HIS B 159 -22.99 3.53 41.79
C HIS B 159 -24.30 3.44 40.99
N GLY B 160 -24.90 2.26 40.90
CA GLY B 160 -26.21 2.07 40.29
C GLY B 160 -26.22 1.36 38.95
N TYR B 161 -25.12 0.71 38.59
CA TYR B 161 -24.97 0.10 37.27
C TYR B 161 -24.55 -1.34 37.44
N LYS B 162 -25.56 -2.20 37.64
CA LYS B 162 -25.34 -3.59 38.02
C LYS B 162 -24.64 -4.37 36.91
N GLU B 163 -25.13 -4.22 35.69
CA GLU B 163 -24.56 -4.92 34.55
C GLU B 163 -23.38 -4.08 34.06
N PRO B 164 -22.28 -4.75 33.74
CA PRO B 164 -21.12 -4.02 33.24
C PRO B 164 -21.47 -3.34 31.93
N HIS B 165 -20.78 -2.25 31.64
CA HIS B 165 -20.99 -1.54 30.39
C HIS B 165 -20.49 -2.31 29.18
N LYS B 166 -19.50 -3.19 29.37
CA LYS B 166 -19.02 -4.08 28.30
C LYS B 166 -18.60 -3.28 27.07
N ILE B 167 -17.75 -2.30 27.32
CA ILE B 167 -17.18 -1.44 26.28
C ILE B 167 -16.16 -2.24 25.48
N LYS B 168 -16.33 -2.30 24.16
CA LYS B 168 -15.46 -3.08 23.26
C LYS B 168 -14.13 -2.36 22.89
N THR B 169 -14.24 -1.11 22.48
CA THR B 169 -13.18 -0.42 21.77
C THR B 169 -12.70 0.81 22.54
N TRP B 170 -11.41 0.80 22.89
CA TRP B 170 -10.83 1.82 23.77
C TRP B 170 -9.70 2.57 23.08
N CYS B 171 -9.58 3.87 23.35
CA CYS B 171 -8.47 4.68 22.89
C CYS B 171 -7.42 4.76 23.99
N LEU B 172 -6.18 4.45 23.61
CA LEU B 172 -5.02 4.61 24.49
C LEU B 172 -4.57 6.07 24.52
N GLY B 173 -5.21 6.85 25.38
CA GLY B 173 -5.01 8.29 25.39
C GLY B 173 -5.57 9.03 24.19
N ASN B 174 -5.27 10.33 24.16
CA ASN B 174 -5.56 11.18 23.05
C ASN B 174 -4.18 11.52 22.46
N ALA B 175 -4.16 12.03 21.23
CA ALA B 175 -2.91 12.31 20.56
C ALA B 175 -2.04 13.17 21.45
N MET B 176 -0.89 12.64 21.85
CA MET B 176 -0.03 13.43 22.69
C MET B 176 1.27 13.80 22.03
N ASP B 177 1.31 13.68 20.70
CA ASP B 177 2.38 14.23 19.90
C ASP B 177 2.42 15.76 19.93
N GLY B 178 1.27 16.35 20.24
CA GLY B 178 1.14 17.79 20.20
C GLY B 178 1.67 18.47 21.42
N PRO B 179 2.49 19.49 21.22
CA PRO B 179 2.95 20.33 22.33
C PRO B 179 1.83 21.08 23.12
N TRP B 180 0.63 21.16 22.57
CA TRP B 180 -0.51 21.75 23.28
C TRP B 180 -1.22 20.74 24.18
N GLN B 181 -0.74 19.50 24.20
CA GLN B 181 -1.45 18.43 24.92
C GLN B 181 -0.97 18.43 26.38
N ILE B 182 -1.91 18.13 27.28
CA ILE B 182 -1.58 17.90 28.67
C ILE B 182 -0.79 16.60 28.71
N GLY B 183 0.38 16.64 29.35
CA GLY B 183 1.25 15.48 29.38
C GLY B 183 1.66 14.96 28.04
N HIS B 184 2.02 15.87 27.13
CA HIS B 184 2.69 15.52 25.87
C HIS B 184 3.75 14.46 26.15
N LYS B 185 3.87 13.53 25.20
CA LYS B 185 4.88 12.48 25.25
C LYS B 185 5.49 12.39 23.87
N THR B 186 6.78 12.07 23.83
CA THR B 186 7.43 11.73 22.59
C THR B 186 6.86 10.40 22.11
N ALA B 187 7.24 10.03 20.89
CA ALA B 187 6.72 8.80 20.33
C ALA B 187 7.17 7.60 21.12
N VAL B 188 8.41 7.60 21.59
CA VAL B 188 8.93 6.52 22.41
C VAL B 188 8.24 6.47 23.77
N GLU B 189 8.11 7.61 24.42
CA GLU B 189 7.47 7.68 25.73
C GLU B 189 6.00 7.18 25.63
N TYR B 190 5.30 7.65 24.59
CA TYR B 190 3.90 7.31 24.38
C TYR B 190 3.81 5.83 24.03
N GLY B 191 4.67 5.40 23.11
CA GLY B 191 4.70 4.01 22.67
C GLY B 191 4.84 3.08 23.85
N ARG B 192 5.76 3.41 24.76
CA ARG B 192 6.01 2.60 25.93
C ARG B 192 4.82 2.59 26.88
N ILE B 193 4.23 3.75 27.18
CA ILE B 193 3.10 3.73 28.12
C ILE B 193 1.85 3.09 27.51
N ALA B 194 1.64 3.31 26.22
CA ALA B 194 0.50 2.73 25.54
C ALA B 194 0.60 1.20 25.48
N CYS B 195 1.81 0.71 25.28
CA CYS B 195 2.08 -0.72 25.26
C CYS B 195 1.75 -1.34 26.62
N GLU B 196 2.26 -0.72 27.68
CA GLU B 196 2.02 -1.28 29.01
C GLU B 196 0.56 -1.13 29.46
N ALA B 197 -0.10 -0.03 29.09
CA ALA B 197 -1.53 0.16 29.37
C ALA B 197 -2.39 -0.86 28.60
N ALA B 198 -2.05 -1.03 27.33
CA ALA B 198 -2.72 -1.99 26.46
C ALA B 198 -2.74 -3.38 27.08
N LYS B 199 -1.59 -3.81 27.60
CA LYS B 199 -1.47 -5.12 28.20
C LYS B 199 -2.40 -5.31 29.40
N VAL B 200 -2.36 -4.37 30.35
CA VAL B 200 -3.12 -4.54 31.58
C VAL B 200 -4.63 -4.46 31.30
N MET B 201 -5.01 -3.62 30.36
CA MET B 201 -6.42 -3.51 29.91
C MET B 201 -6.93 -4.80 29.33
N LYS B 202 -6.14 -5.38 28.41
CA LYS B 202 -6.51 -6.67 27.82
C LYS B 202 -6.43 -7.85 28.83
N TRP B 203 -5.55 -7.78 29.84
CA TRP B 203 -5.59 -8.77 30.93
C TRP B 203 -6.87 -8.69 31.78
N VAL B 204 -7.39 -7.48 31.98
CA VAL B 204 -8.67 -7.34 32.69
C VAL B 204 -9.79 -7.92 31.83
N ASP B 205 -9.77 -7.63 30.52
CA ASP B 205 -10.81 -8.07 29.58
C ASP B 205 -10.28 -8.33 28.17
N PRO B 206 -9.92 -9.57 27.86
CA PRO B 206 -9.37 -9.92 26.56
C PRO B 206 -10.31 -9.68 25.36
N THR B 207 -11.58 -9.40 25.58
CA THR B 207 -12.53 -9.14 24.49
C THR B 207 -12.38 -7.76 23.90
N ILE B 208 -11.65 -6.88 24.57
CA ILE B 208 -11.51 -5.52 24.08
C ILE B 208 -10.58 -5.40 22.89
N GLU B 209 -10.69 -4.24 22.24
CA GLU B 209 -9.73 -3.87 21.21
C GLU B 209 -9.25 -2.48 21.49
N LEU B 210 -8.06 -2.17 21.02
CA LEU B 210 -7.35 -0.94 21.41
C LEU B 210 -6.96 -0.13 20.19
N VAL B 211 -7.07 1.17 20.33
CA VAL B 211 -6.70 2.14 19.31
C VAL B 211 -5.52 2.91 19.89
N VAL B 212 -4.36 2.79 19.25
CA VAL B 212 -3.21 3.66 19.55
C VAL B 212 -3.27 4.94 18.75
N CYS B 213 -2.80 6.02 19.37
CA CYS B 213 -2.85 7.36 18.83
C CYS B 213 -1.83 7.58 17.74
N GLY B 214 -2.31 7.98 16.57
CA GLY B 214 -1.48 8.52 15.53
C GLY B 214 -1.24 10.00 15.78
N SER B 215 -0.73 10.67 14.74
CA SER B 215 -0.37 12.07 14.85
C SER B 215 -1.63 12.91 15.01
N SER B 216 -1.51 14.07 15.64
CA SER B 216 -2.70 14.91 15.83
C SER B 216 -3.08 15.58 14.49
N ASN B 217 -2.14 15.58 13.56
CA ASN B 217 -2.29 16.33 12.32
C ASN B 217 -1.22 15.86 11.31
N ARG B 218 -1.56 15.81 10.02
CA ARG B 218 -0.60 15.43 8.96
C ARG B 218 0.60 16.38 8.84
N ASN B 219 0.43 17.61 9.30
CA ASN B 219 1.45 18.65 9.24
C ASN B 219 2.38 18.68 10.43
N MET B 220 2.16 17.80 11.42
CA MET B 220 3.06 17.76 12.57
C MET B 220 4.48 17.49 12.09
N PRO B 221 5.49 18.14 12.68
CA PRO B 221 6.88 17.83 12.38
C PRO B 221 7.22 16.35 12.51
N THR B 222 6.58 15.64 13.45
CA THR B 222 6.83 14.23 13.67
C THR B 222 5.90 13.29 12.90
N PHE B 223 5.12 13.80 11.97
CA PHE B 223 4.25 12.95 11.18
C PHE B 223 5.04 11.84 10.50
N ALA B 224 4.45 10.64 10.56
CA ALA B 224 4.90 9.39 9.96
C ALA B 224 5.96 8.70 10.83
N GLU B 225 6.99 9.45 11.21
CA GLU B 225 7.96 9.02 12.19
C GLU B 225 7.25 8.58 13.47
N TRP B 226 6.23 9.35 13.87
CA TRP B 226 5.45 9.07 15.09
C TRP B 226 4.78 7.71 15.01
N GLU B 227 4.04 7.51 13.93
CA GLU B 227 3.25 6.31 13.73
C GLU B 227 4.18 5.10 13.70
N ALA B 228 5.32 5.24 13.05
CA ALA B 228 6.24 4.10 12.87
C ALA B 228 6.80 3.69 14.22
N THR B 229 7.22 4.67 14.99
CA THR B 229 7.73 4.43 16.34
C THR B 229 6.67 3.86 17.29
N VAL B 230 5.48 4.43 17.23
CA VAL B 230 4.44 4.06 18.17
C VAL B 230 4.03 2.62 17.87
N LEU B 231 3.92 2.28 16.60
CA LEU B 231 3.53 0.91 16.24
C LEU B 231 4.63 -0.07 16.59
N ASP B 232 5.87 0.34 16.41
CA ASP B 232 7.00 -0.50 16.80
C ASP B 232 6.94 -0.92 18.25
N HIS B 233 6.42 -0.02 19.11
CA HIS B 233 6.28 -0.33 20.52
C HIS B 233 5.00 -1.05 20.90
N THR B 234 3.95 -0.97 20.09
CA THR B 234 2.63 -1.46 20.52
C THR B 234 2.01 -2.54 19.62
N TYR B 235 2.63 -2.84 18.47
CA TYR B 235 1.98 -3.62 17.41
C TYR B 235 1.21 -4.83 17.93
N ASP B 236 1.87 -5.65 18.74
CA ASP B 236 1.31 -6.92 19.18
C ASP B 236 0.09 -6.78 20.10
N HIS B 237 -0.06 -5.61 20.73
CA HIS B 237 -1.06 -5.39 21.75
C HIS B 237 -2.24 -4.56 21.30
N VAL B 238 -2.18 -4.02 20.09
CA VAL B 238 -3.21 -3.11 19.60
C VAL B 238 -3.83 -3.52 18.29
N ASP B 239 -4.96 -2.88 17.96
CA ASP B 239 -5.77 -3.29 16.82
C ASP B 239 -5.92 -2.24 15.70
N TYR B 240 -5.86 -0.97 16.07
CA TYR B 240 -6.00 0.17 15.17
C TYR B 240 -5.01 1.26 15.51
N ILE B 241 -4.67 2.08 14.51
CA ILE B 241 -3.96 3.32 14.73
C ILE B 241 -4.86 4.45 14.24
N SER B 242 -4.92 5.55 14.99
CA SER B 242 -5.82 6.62 14.63
C SER B 242 -5.14 7.67 13.74
N LEU B 243 -5.98 8.37 12.99
CA LEU B 243 -5.60 9.60 12.33
C LEU B 243 -6.67 10.66 12.50
N HIS B 244 -6.22 11.93 12.45
CA HIS B 244 -7.09 13.10 12.63
C HIS B 244 -6.81 14.11 11.52
N GLN B 245 -7.88 14.71 11.01
CA GLN B 245 -7.79 15.74 10.00
C GLN B 245 -8.98 16.70 10.04
N TYR B 246 -8.66 17.99 10.08
CA TYR B 246 -9.64 19.05 9.92
C TYR B 246 -9.26 19.91 8.72
N TYR B 247 -10.29 20.41 8.03
CA TYR B 247 -10.10 21.30 6.88
C TYR B 247 -10.84 22.62 7.07
N GLY B 248 -10.46 23.60 6.27
CA GLY B 248 -11.06 24.93 6.32
C GLY B 248 -10.77 25.68 5.04
N ASN B 249 -11.65 26.63 4.70
CA ASN B 249 -11.49 27.47 3.51
C ASN B 249 -11.11 28.88 3.91
N ARG B 250 -9.88 29.03 4.39
CA ARG B 250 -9.42 30.28 5.00
C ARG B 250 -9.00 31.33 3.98
N ASP B 251 -8.72 30.93 2.75
CA ASP B 251 -8.37 31.90 1.69
C ASP B 251 -9.47 31.99 0.61
N ASN B 252 -10.68 31.59 0.98
CA ASN B 252 -11.85 31.73 0.11
C ASN B 252 -11.62 31.26 -1.33
N ASP B 253 -11.16 30.03 -1.45
CA ASP B 253 -10.86 29.39 -2.70
C ASP B 253 -11.59 28.04 -2.75
N THR B 254 -12.86 28.08 -3.15
CA THR B 254 -13.69 26.89 -3.33
C THR B 254 -13.08 25.72 -4.16
N ALA B 255 -12.55 26.01 -5.34
CA ALA B 255 -11.99 24.95 -6.19
C ALA B 255 -10.85 24.21 -5.51
N ASN B 256 -10.03 24.92 -4.74
CA ASN B 256 -8.92 24.33 -3.97
C ASN B 256 -9.44 23.62 -2.73
N TYR B 257 -10.49 24.19 -2.12
CA TYR B 257 -11.10 23.64 -0.90
C TYR B 257 -11.75 22.28 -1.18
N LEU B 258 -12.43 22.13 -2.30
CA LEU B 258 -13.12 20.86 -2.61
C LEU B 258 -12.15 19.78 -3.06
N ALA B 259 -10.93 20.16 -3.42
CA ALA B 259 -9.88 19.19 -3.76
C ALA B 259 -9.22 18.53 -2.53
N LEU B 260 -9.45 19.07 -1.34
CA LEU B 260 -8.74 18.63 -0.12
C LEU B 260 -8.90 17.14 0.22
N SER B 261 -9.98 16.53 -0.24
CA SER B 261 -10.16 15.10 0.00
C SER B 261 -9.09 14.24 -0.71
N LEU B 262 -8.48 14.74 -1.78
CA LEU B 262 -7.34 14.04 -2.43
C LEU B 262 -6.15 13.91 -1.46
N GLU B 263 -5.98 14.92 -0.62
CA GLU B 263 -5.01 14.90 0.46
C GLU B 263 -5.39 13.91 1.55
N MET B 264 -6.66 13.89 1.92
CA MET B 264 -7.14 12.90 2.88
C MET B 264 -6.82 11.51 2.35
N ASP B 265 -7.04 11.29 1.06
CA ASP B 265 -6.74 10.02 0.41
C ASP B 265 -5.27 9.66 0.57
N ASP B 266 -4.39 10.65 0.38
CA ASP B 266 -2.93 10.42 0.46
C ASP B 266 -2.50 10.08 1.87
N PHE B 267 -3.12 10.78 2.82
CA PHE B 267 -2.91 10.64 4.24
C PHE B 267 -3.26 9.21 4.70
N ILE B 268 -4.44 8.73 4.29
CA ILE B 268 -4.87 7.37 4.68
C ILE B 268 -3.88 6.33 4.12
N ARG B 269 -3.57 6.46 2.85
CA ARG B 269 -2.63 5.57 2.18
C ARG B 269 -1.29 5.56 2.87
N SER B 270 -0.82 6.73 3.29
CA SER B 270 0.44 6.86 4.07
C SER B 270 0.42 6.13 5.38
N VAL B 271 -0.66 6.27 6.13
CA VAL B 271 -0.74 5.60 7.43
C VAL B 271 -0.90 4.08 7.28
N VAL B 272 -1.66 3.64 6.27
CA VAL B 272 -1.73 2.22 5.94
C VAL B 272 -0.34 1.66 5.63
N ALA B 273 0.45 2.40 4.86
CA ALA B 273 1.81 1.95 4.51
C ALA B 273 2.66 1.77 5.76
N ILE B 274 2.52 2.67 6.73
CA ILE B 274 3.33 2.60 7.95
C ILE B 274 2.92 1.36 8.71
N ALA B 275 1.63 1.09 8.78
CA ALA B 275 1.13 -0.10 9.51
C ALA B 275 1.72 -1.35 8.90
N ASP B 276 1.75 -1.38 7.56
CA ASP B 276 2.29 -2.54 6.85
C ASP B 276 3.81 -2.65 6.90
N TYR B 277 4.50 -1.54 6.99
CA TYR B 277 5.93 -1.56 7.24
C TYR B 277 6.21 -2.23 8.58
N VAL B 278 5.50 -1.81 9.63
CA VAL B 278 5.82 -2.33 10.95
C VAL B 278 5.39 -3.82 11.04
N LYS B 279 4.29 -4.15 10.40
CA LYS B 279 3.86 -5.54 10.28
C LYS B 279 4.99 -6.42 9.73
N ALA B 280 5.66 -5.95 8.67
CA ALA B 280 6.74 -6.69 8.03
C ALA B 280 7.98 -6.74 8.93
N LYS B 281 8.26 -5.64 9.62
CA LYS B 281 9.37 -5.54 10.55
C LYS B 281 9.20 -6.54 11.68
N LYS B 282 7.98 -6.69 12.18
CA LYS B 282 7.65 -7.67 13.25
C LYS B 282 7.40 -9.09 12.76
N ARG B 283 7.28 -9.30 11.46
CA ARG B 283 6.87 -10.58 10.88
C ARG B 283 5.56 -11.05 11.48
N SER B 284 4.67 -10.10 11.75
CA SER B 284 3.37 -10.39 12.33
C SER B 284 2.40 -10.86 11.23
N LYS B 285 1.48 -11.77 11.58
CA LYS B 285 0.38 -12.14 10.69
C LYS B 285 -0.84 -11.22 10.84
N LYS B 286 -0.84 -10.34 11.86
CA LYS B 286 -1.98 -9.48 12.16
C LYS B 286 -1.87 -8.19 11.36
N THR B 287 -2.97 -7.77 10.73
CA THR B 287 -2.99 -6.51 10.03
C THR B 287 -3.59 -5.50 10.97
N ILE B 288 -2.97 -4.33 11.10
CA ILE B 288 -3.52 -3.23 11.86
C ILE B 288 -4.34 -2.33 10.94
N HIS B 289 -5.51 -1.92 11.40
CA HIS B 289 -6.39 -1.08 10.62
C HIS B 289 -6.38 0.35 11.18
N LEU B 290 -7.12 1.23 10.53
CA LEU B 290 -7.17 2.65 10.86
C LEU B 290 -8.48 3.04 11.51
N SER B 291 -8.39 3.89 12.53
CA SER B 291 -9.49 4.61 13.11
C SER B 291 -9.32 6.09 12.79
N PHE B 292 -10.11 6.59 11.86
CA PHE B 292 -10.06 8.01 11.50
C PHE B 292 -10.91 8.76 12.49
N ASP B 293 -10.42 8.87 13.73
CA ASP B 293 -11.35 9.15 14.83
C ASP B 293 -11.54 10.62 15.21
N GLU B 294 -10.99 11.51 14.40
CA GLU B 294 -11.46 12.87 14.25
C GLU B 294 -11.34 13.33 12.80
N TRP B 295 -12.48 13.70 12.21
CA TRP B 295 -12.48 14.38 10.93
C TRP B 295 -13.68 15.33 10.83
N ASN B 296 -13.44 16.47 10.20
CA ASN B 296 -14.48 17.47 9.91
C ASN B 296 -13.89 18.70 9.25
N VAL B 297 -14.78 19.58 8.83
CA VAL B 297 -14.46 20.96 8.60
C VAL B 297 -14.42 21.65 9.96
N TRP B 298 -13.38 22.45 10.21
CA TRP B 298 -13.27 23.26 11.41
C TRP B 298 -12.45 24.52 11.12
N TYR B 299 -13.11 25.68 11.18
CA TYR B 299 -12.43 26.98 11.06
C TYR B 299 -13.29 28.22 11.34
N HIS B 300 -14.58 28.19 11.03
CA HIS B 300 -15.44 29.38 11.17
C HIS B 300 -15.38 30.06 12.55
N SER B 301 -15.32 29.28 13.63
CA SER B 301 -15.40 29.84 14.98
C SER B 301 -14.05 30.25 15.62
N ASN B 302 -12.97 30.19 14.86
CA ASN B 302 -11.64 30.45 15.43
C ASN B 302 -11.53 31.83 16.11
N GLU B 303 -11.95 32.89 15.42
CA GLU B 303 -11.86 34.23 15.98
C GLU B 303 -12.75 34.45 17.20
N ALA B 304 -13.98 33.94 17.16
CA ALA B 304 -14.94 34.16 18.26
C ALA B 304 -14.46 33.52 19.56
N ASP B 305 -13.86 32.35 19.45
CA ASP B 305 -13.35 31.60 20.61
C ASP B 305 -12.27 32.36 21.38
N LYS B 306 -11.45 33.10 20.65
CA LYS B 306 -10.40 33.93 21.26
C LYS B 306 -10.93 34.97 22.26
N LEU B 307 -12.23 35.27 22.21
CA LEU B 307 -12.81 36.25 23.11
C LEU B 307 -13.40 35.67 24.41
N ILE B 308 -13.47 34.34 24.52
CA ILE B 308 -14.06 33.69 25.68
C ILE B 308 -13.10 33.79 26.85
N GLU B 309 -13.61 34.25 27.98
CA GLU B 309 -12.83 34.36 29.22
C GLU B 309 -12.63 32.96 29.81
N PRO B 310 -11.47 32.69 30.39
CA PRO B 310 -11.26 31.39 31.03
C PRO B 310 -12.11 31.14 32.26
N TRP B 311 -12.31 29.85 32.53
CA TRP B 311 -12.86 29.35 33.79
C TRP B 311 -14.36 29.56 33.92
N THR B 312 -15.06 29.60 32.79
CA THR B 312 -16.52 29.46 32.81
C THR B 312 -16.92 28.00 32.68
N VAL B 313 -18.20 27.73 32.99
CA VAL B 313 -18.82 26.43 32.82
C VAL B 313 -19.49 26.41 31.45
N ALA B 314 -19.14 25.40 30.65
CA ALA B 314 -19.76 25.17 29.34
C ALA B 314 -19.81 26.42 28.45
N PRO B 315 -18.65 26.99 28.12
CA PRO B 315 -18.62 28.11 27.17
C PRO B 315 -18.96 27.67 25.75
N PRO B 316 -19.48 28.58 24.91
CA PRO B 316 -19.85 28.25 23.53
C PRO B 316 -18.69 28.18 22.55
N LEU B 317 -17.81 27.19 22.79
CA LEU B 317 -16.59 27.02 22.02
C LEU B 317 -16.82 26.13 20.80
N LEU B 318 -16.04 26.40 19.76
CA LEU B 318 -15.93 25.60 18.53
C LEU B 318 -17.25 25.54 17.73
N GLU B 319 -18.06 26.58 17.84
CA GLU B 319 -19.42 26.54 17.29
C GLU B 319 -19.43 27.04 15.87
N ASP B 320 -18.75 26.28 15.01
CA ASP B 320 -18.76 26.55 13.58
C ASP B 320 -20.19 26.52 13.07
N ILE B 321 -20.54 27.49 12.22
CA ILE B 321 -21.80 27.42 11.47
C ILE B 321 -21.47 27.08 10.04
N TYR B 322 -21.84 25.89 9.62
CA TYR B 322 -21.40 25.37 8.34
C TYR B 322 -22.25 25.88 7.20
N ASN B 323 -21.61 25.96 6.03
CA ASN B 323 -22.26 26.41 4.81
C ASN B 323 -22.36 25.27 3.82
N PHE B 324 -22.85 25.57 2.61
CA PHE B 324 -23.07 24.52 1.64
C PHE B 324 -21.77 23.90 1.06
N GLU B 325 -20.73 24.68 0.80
CA GLU B 325 -19.52 24.08 0.24
C GLU B 325 -18.90 23.14 1.31
N ASP B 326 -19.15 23.44 2.58
CA ASP B 326 -18.66 22.63 3.71
C ASP B 326 -19.32 21.26 3.58
N ALA B 327 -20.60 21.25 3.28
CA ALA B 327 -21.32 19.98 3.06
C ALA B 327 -20.76 19.20 1.88
N LEU B 328 -20.33 19.90 0.83
CA LEU B 328 -19.74 19.24 -0.32
C LEU B 328 -18.41 18.58 0.03
N LEU B 329 -17.59 19.27 0.83
CA LEU B 329 -16.32 18.71 1.27
C LEU B 329 -16.54 17.53 2.20
N VAL B 330 -17.51 17.65 3.10
CA VAL B 330 -17.87 16.55 4.00
C VAL B 330 -18.28 15.34 3.16
N GLY B 331 -19.03 15.61 2.09
CA GLY B 331 -19.40 14.61 1.10
C GLY B 331 -18.22 13.88 0.49
N CYS B 332 -17.25 14.65 0.02
CA CYS B 332 -15.99 14.12 -0.53
C CYS B 332 -15.18 13.31 0.49
N MET B 333 -15.17 13.76 1.74
CA MET B 333 -14.48 13.06 2.82
C MET B 333 -15.12 11.69 3.08
N LEU B 334 -16.45 11.61 3.05
CA LEU B 334 -17.16 10.35 3.26
C LEU B 334 -16.89 9.35 2.15
N ILE B 335 -16.90 9.83 0.91
CA ILE B 335 -16.58 9.00 -0.23
C ILE B 335 -15.14 8.50 -0.11
N THR B 336 -14.26 9.33 0.39
CA THR B 336 -12.87 8.93 0.62
C THR B 336 -12.73 7.82 1.71
N LEU B 337 -13.45 7.94 2.80
CA LEU B 337 -13.53 6.86 3.80
C LEU B 337 -14.04 5.56 3.17
N MET B 338 -15.12 5.62 2.40
CA MET B 338 -15.65 4.45 1.74
C MET B 338 -14.63 3.81 0.80
N LYS B 339 -13.87 4.64 0.09
CA LYS B 339 -12.89 4.18 -0.87
C LYS B 339 -11.81 3.39 -0.17
N HIS B 340 -11.66 3.60 1.13
CA HIS B 340 -10.67 2.91 1.91
C HIS B 340 -11.29 1.99 2.96
N ALA B 341 -12.48 1.48 2.64
CA ALA B 341 -13.17 0.53 3.52
C ALA B 341 -12.36 -0.71 3.88
N ASP B 342 -11.41 -1.05 3.03
CA ASP B 342 -10.54 -2.20 3.28
C ASP B 342 -9.62 -2.02 4.49
N ARG B 343 -9.24 -0.79 4.78
CA ARG B 343 -8.37 -0.50 5.92
C ARG B 343 -8.84 0.50 6.96
N VAL B 344 -9.83 1.34 6.67
CA VAL B 344 -10.39 2.25 7.67
C VAL B 344 -11.66 1.59 8.16
N LYS B 345 -11.68 1.18 9.43
CA LYS B 345 -12.76 0.39 10.03
C LYS B 345 -13.60 1.16 11.04
N ILE B 346 -13.06 2.28 11.51
CA ILE B 346 -13.74 3.19 12.42
C ILE B 346 -13.44 4.61 11.94
N ALA B 347 -14.44 5.49 12.03
CA ALA B 347 -14.25 6.93 11.78
C ALA B 347 -15.24 7.69 12.61
N CYS B 348 -14.80 8.85 13.07
CA CYS B 348 -15.63 9.67 13.93
C CYS B 348 -15.68 11.12 13.41
N LEU B 349 -16.86 11.54 12.95
CA LEU B 349 -17.10 12.95 12.67
C LEU B 349 -16.97 13.72 14.00
N ALA B 350 -16.06 14.68 14.04
CA ALA B 350 -15.73 15.42 15.24
C ALA B 350 -16.36 16.78 15.07
N GLN B 351 -17.39 17.13 15.84
CA GLN B 351 -18.02 16.30 16.87
C GLN B 351 -19.54 16.29 16.65
N LEU B 352 -20.28 15.62 17.53
CA LEU B 352 -21.65 15.29 17.21
C LEU B 352 -22.68 16.40 17.51
N VAL B 353 -22.48 17.15 18.60
CA VAL B 353 -23.44 18.16 19.08
C VAL B 353 -22.75 19.46 19.49
N ASN B 354 -23.18 20.56 18.88
CA ASN B 354 -22.69 21.95 19.15
C ASN B 354 -21.24 22.26 18.74
N VAL B 355 -20.35 21.37 19.13
CA VAL B 355 -18.93 21.52 18.89
C VAL B 355 -18.64 20.96 17.51
N ILE B 356 -18.25 21.85 16.58
CA ILE B 356 -18.00 21.58 15.17
C ILE B 356 -18.88 20.42 14.70
N ALA B 357 -20.18 20.67 14.66
CA ALA B 357 -21.17 19.60 14.78
C ALA B 357 -22.28 19.69 13.73
N PRO B 358 -22.84 18.54 13.34
CA PRO B 358 -23.96 18.52 12.38
C PRO B 358 -25.30 18.89 13.04
N ILE B 359 -25.34 18.90 14.37
CA ILE B 359 -26.49 19.19 15.18
C ILE B 359 -26.13 20.34 16.13
N MET B 360 -26.95 21.39 16.10
CA MET B 360 -26.78 22.54 16.98
C MET B 360 -28.01 22.74 17.84
N THR B 361 -27.82 23.25 19.06
CA THR B 361 -28.92 23.55 19.96
C THR B 361 -28.88 25.00 20.50
N GLU B 362 -30.06 25.51 20.87
CA GLU B 362 -30.18 26.71 21.68
C GLU B 362 -30.73 26.35 23.04
N LYS B 363 -30.27 27.07 24.07
CA LYS B 363 -30.72 26.85 25.43
C LYS B 363 -32.22 27.15 25.50
N ASN B 364 -32.98 26.25 26.12
CA ASN B 364 -34.43 26.35 26.25
C ASN B 364 -35.13 26.52 24.91
N GLY B 365 -34.43 26.10 23.85
CA GLY B 365 -34.85 26.32 22.48
C GLY B 365 -34.65 25.08 21.63
N PRO B 366 -34.71 25.28 20.31
CA PRO B 366 -34.69 24.14 19.38
C PRO B 366 -33.31 23.57 19.05
N ALA B 367 -33.33 22.38 18.47
CA ALA B 367 -32.17 21.73 17.92
C ALA B 367 -32.36 21.66 16.42
N TRP B 368 -31.30 21.95 15.67
CA TRP B 368 -31.36 22.02 14.22
C TRP B 368 -30.18 21.35 13.49
N LYS B 369 -30.41 21.07 12.23
CA LYS B 369 -29.49 20.35 11.37
C LYS B 369 -28.64 21.31 10.54
N GLN B 370 -27.33 21.27 10.76
CA GLN B 370 -26.40 22.02 9.91
C GLN B 370 -26.34 21.45 8.52
N THR B 371 -25.79 22.19 7.57
CA THR B 371 -25.63 21.71 6.17
C THR B 371 -24.94 20.34 6.10
N ILE B 372 -23.93 20.13 6.93
CA ILE B 372 -23.14 18.89 6.87
C ILE B 372 -23.92 17.66 7.35
N TYR B 373 -25.05 17.90 8.01
CA TYR B 373 -25.87 16.82 8.55
C TYR B 373 -26.29 15.94 7.38
N TYR B 374 -26.65 16.54 6.26
CA TYR B 374 -27.29 15.78 5.19
C TYR B 374 -26.42 14.75 4.49
N PRO B 375 -25.24 15.08 4.00
CA PRO B 375 -24.36 14.07 3.38
C PRO B 375 -23.95 12.99 4.39
N PHE B 376 -23.73 13.38 5.62
CA PHE B 376 -23.41 12.38 6.64
C PHE B 376 -24.59 11.40 6.83
N MET B 377 -25.81 11.93 6.99
CA MET B 377 -26.98 11.07 7.13
C MET B 377 -27.09 10.17 5.92
N HIS B 378 -26.92 10.71 4.72
CA HIS B 378 -27.11 9.90 3.51
C HIS B 378 -26.07 8.79 3.43
N ALA B 379 -24.82 9.12 3.76
CA ALA B 379 -23.75 8.14 3.77
C ALA B 379 -23.99 7.05 4.80
N SER B 380 -24.41 7.43 5.99
CA SER B 380 -24.65 6.44 7.04
C SER B 380 -25.84 5.51 6.75
N VAL B 381 -26.90 6.11 6.24
CA VAL B 381 -28.16 5.40 6.00
C VAL B 381 -28.07 4.54 4.76
N TYR B 382 -27.56 5.06 3.66
CA TYR B 382 -27.49 4.30 2.41
C TYR B 382 -26.15 3.69 2.07
N GLY B 383 -25.13 3.88 2.91
CA GLY B 383 -23.78 3.45 2.57
C GLY B 383 -23.32 2.22 3.31
N ARG B 384 -24.24 1.29 3.60
CA ARG B 384 -23.91 0.02 4.24
C ARG B 384 -23.88 -1.04 3.15
N GLY B 385 -22.86 -1.89 3.17
CA GLY B 385 -22.70 -2.93 2.18
C GLY B 385 -21.24 -2.99 1.73
N VAL B 386 -21.00 -3.36 0.48
CA VAL B 386 -19.63 -3.53 -0.02
C VAL B 386 -19.28 -2.32 -0.86
N ALA B 387 -18.17 -1.65 -0.52
CA ALA B 387 -17.64 -0.63 -1.40
C ALA B 387 -17.03 -1.24 -2.65
N LEU B 388 -17.44 -0.75 -3.83
CA LEU B 388 -16.97 -1.27 -5.09
C LEU B 388 -15.84 -0.38 -5.59
N HIS B 389 -14.86 -0.99 -6.22
CA HIS B 389 -13.74 -0.26 -6.80
C HIS B 389 -14.26 0.56 -8.01
N PRO B 390 -14.12 1.89 -7.93
CA PRO B 390 -14.57 2.74 -9.02
C PRO B 390 -13.56 2.80 -10.15
N VAL B 391 -14.08 2.62 -11.37
CA VAL B 391 -13.32 2.85 -12.58
C VAL B 391 -13.96 4.08 -13.18
N ILE B 392 -13.32 5.23 -13.03
CA ILE B 392 -13.92 6.46 -13.49
C ILE B 392 -13.06 7.12 -14.55
N SER B 393 -13.72 7.69 -15.54
CA SER B 393 -13.10 8.63 -16.45
C SER B 393 -13.85 9.95 -16.30
N SER B 394 -13.16 10.93 -15.71
CA SER B 394 -13.70 12.25 -15.42
C SER B 394 -12.80 13.35 -15.99
N PRO B 395 -13.39 14.45 -16.42
CA PRO B 395 -12.57 15.64 -16.71
C PRO B 395 -11.99 16.15 -15.41
N LYS B 396 -10.98 16.99 -15.49
CA LYS B 396 -10.22 17.40 -14.32
C LYS B 396 -9.78 18.86 -14.37
N TYR B 397 -9.37 19.39 -13.24
CA TYR B 397 -8.84 20.76 -13.14
C TYR B 397 -7.62 20.84 -12.22
N ASP B 398 -6.87 21.93 -12.33
CA ASP B 398 -5.83 22.25 -11.35
C ASP B 398 -6.28 23.41 -10.49
N SER B 399 -5.78 23.42 -9.26
CA SER B 399 -5.99 24.48 -8.31
C SER B 399 -4.64 24.86 -7.70
N LYS B 400 -4.66 25.78 -6.74
CA LYS B 400 -3.45 26.23 -6.05
C LYS B 400 -2.55 25.07 -5.63
N ASP B 401 -3.13 24.10 -4.90
CA ASP B 401 -2.35 23.04 -4.25
C ASP B 401 -2.47 21.65 -4.85
N PHE B 402 -3.31 21.46 -5.87
CA PHE B 402 -3.54 20.13 -6.42
C PHE B 402 -3.59 20.13 -7.94
N THR B 403 -3.21 19.00 -8.51
CA THR B 403 -3.19 18.83 -9.96
C THR B 403 -4.04 17.63 -10.36
N ASP B 404 -4.73 17.74 -11.50
CA ASP B 404 -5.57 16.66 -12.01
C ASP B 404 -6.68 16.25 -11.01
N VAL B 405 -7.31 17.25 -10.37
CA VAL B 405 -8.47 17.05 -9.52
C VAL B 405 -9.67 16.64 -10.38
N PRO B 406 -10.18 15.42 -10.22
CA PRO B 406 -11.37 15.03 -10.98
C PRO B 406 -12.55 15.89 -10.53
N TYR B 407 -13.32 16.39 -11.49
CA TYR B 407 -14.56 17.07 -11.19
C TYR B 407 -15.49 16.11 -10.43
N LEU B 408 -15.48 14.86 -10.80
CA LEU B 408 -16.33 13.84 -10.18
C LEU B 408 -15.62 13.17 -9.03
N GLU B 409 -16.21 13.23 -7.83
CA GLU B 409 -15.81 12.37 -6.71
C GLU B 409 -16.96 11.39 -6.47
N SER B 410 -16.70 10.11 -6.61
CA SER B 410 -17.76 9.10 -6.59
C SER B 410 -17.33 7.69 -6.19
N ILE B 411 -18.27 6.98 -5.57
CA ILE B 411 -18.16 5.55 -5.32
C ILE B 411 -19.56 4.93 -5.22
N ALA B 412 -19.64 3.66 -5.57
CA ALA B 412 -20.86 2.88 -5.44
C ALA B 412 -20.70 1.88 -4.31
N VAL B 413 -21.80 1.67 -3.58
CA VAL B 413 -21.85 0.74 -2.49
C VAL B 413 -22.96 -0.29 -2.79
N TYR B 414 -22.62 -1.58 -2.73
CA TYR B 414 -23.54 -2.64 -3.05
C TYR B 414 -23.98 -3.37 -1.81
N ASN B 415 -25.29 -3.34 -1.57
CA ASN B 415 -25.88 -4.03 -0.45
C ASN B 415 -26.67 -5.22 -0.99
N GLU B 416 -26.07 -6.40 -0.94
CA GLU B 416 -26.67 -7.60 -1.48
C GLU B 416 -27.91 -8.06 -0.72
N GLU B 417 -27.92 -7.89 0.59
CA GLU B 417 -29.09 -8.27 1.38
C GLU B 417 -30.32 -7.41 1.02
N LYS B 418 -30.12 -6.16 0.65
CA LYS B 418 -31.22 -5.28 0.26
C LYS B 418 -31.41 -5.28 -1.26
N GLU B 419 -30.46 -5.90 -1.98
CA GLU B 419 -30.38 -5.81 -3.44
C GLU B 419 -30.50 -4.33 -3.83
N GLU B 420 -29.58 -3.53 -3.30
CA GLU B 420 -29.45 -2.12 -3.66
C GLU B 420 -28.00 -1.79 -4.02
N VAL B 421 -27.83 -0.85 -4.94
CA VAL B 421 -26.54 -0.22 -5.22
C VAL B 421 -26.73 1.29 -5.05
N THR B 422 -25.90 1.93 -4.24
CA THR B 422 -26.01 3.36 -4.03
C THR B 422 -24.76 4.04 -4.59
N ILE B 423 -24.97 5.02 -5.45
CA ILE B 423 -23.88 5.80 -6.01
C ILE B 423 -23.86 7.15 -5.29
N PHE B 424 -22.80 7.43 -4.54
CA PHE B 424 -22.57 8.73 -3.98
C PHE B 424 -21.70 9.49 -4.96
N ALA B 425 -22.06 10.73 -5.24
CA ALA B 425 -21.28 11.53 -6.22
C ALA B 425 -21.32 13.01 -5.93
N VAL B 426 -20.14 13.62 -5.92
CA VAL B 426 -20.01 15.08 -5.88
C VAL B 426 -19.53 15.56 -7.25
N ASN B 427 -20.15 16.62 -7.76
CA ASN B 427 -19.63 17.36 -8.90
C ASN B 427 -19.01 18.62 -8.34
N ARG B 428 -17.68 18.71 -8.41
CA ARG B 428 -16.94 19.85 -7.88
C ARG B 428 -16.99 21.05 -8.81
N ASP B 429 -17.46 20.85 -10.04
CA ASP B 429 -17.46 21.92 -11.06
C ASP B 429 -18.27 23.13 -10.57
N MET B 430 -17.61 24.28 -10.50
CA MET B 430 -18.26 25.52 -10.06
C MET B 430 -19.18 26.19 -11.10
N GLU B 431 -19.13 25.71 -12.35
CA GLU B 431 -19.88 26.35 -13.47
C GLU B 431 -20.81 25.39 -14.24
N ASP B 432 -20.31 24.21 -14.59
CA ASP B 432 -21.03 23.28 -15.43
C ASP B 432 -21.59 22.05 -14.71
N ALA B 433 -22.75 21.61 -15.16
CA ALA B 433 -23.27 20.30 -14.84
C ALA B 433 -22.35 19.20 -15.45
N LEU B 434 -22.44 18.01 -14.87
CA LEU B 434 -21.66 16.88 -15.29
C LEU B 434 -22.61 15.75 -15.66
N LEU B 435 -22.51 15.23 -16.89
CA LEU B 435 -23.34 14.15 -17.38
C LEU B 435 -22.70 12.80 -17.07
N LEU B 436 -23.12 12.20 -15.97
CA LEU B 436 -22.57 10.93 -15.53
C LEU B 436 -23.22 9.77 -16.27
N GLU B 437 -22.42 8.89 -16.86
CA GLU B 437 -22.92 7.63 -17.41
C GLU B 437 -22.28 6.47 -16.63
N CYS B 438 -23.11 5.69 -15.95
CA CYS B 438 -22.63 4.52 -15.20
C CYS B 438 -22.99 3.24 -15.91
N ASP B 439 -21.97 2.44 -16.22
CA ASP B 439 -22.17 1.11 -16.76
C ASP B 439 -22.59 0.14 -15.65
N VAL B 440 -23.83 -0.36 -15.72
CA VAL B 440 -24.40 -1.26 -14.70
C VAL B 440 -24.83 -2.62 -15.26
N ARG B 441 -24.12 -3.12 -16.27
CA ARG B 441 -24.38 -4.46 -16.84
C ARG B 441 -24.36 -5.59 -15.80
N SER B 442 -23.44 -5.51 -14.84
CA SER B 442 -23.28 -6.54 -13.81
C SER B 442 -24.44 -6.62 -12.80
N PHE B 443 -25.35 -5.64 -12.86
CA PHE B 443 -26.53 -5.59 -11.99
C PHE B 443 -27.84 -5.71 -12.79
N GLU B 444 -28.15 -6.95 -13.12
CA GLU B 444 -29.32 -7.31 -13.93
C GLU B 444 -30.62 -6.96 -13.23
N ASP B 445 -31.56 -6.36 -13.95
CA ASP B 445 -32.88 -6.00 -13.38
C ASP B 445 -32.87 -4.88 -12.33
N TYR B 446 -31.76 -4.16 -12.19
CA TYR B 446 -31.73 -3.02 -11.29
C TYR B 446 -32.38 -1.80 -11.95
N ARG B 447 -33.19 -1.09 -11.17
CA ARG B 447 -33.89 0.11 -11.62
C ARG B 447 -33.44 1.28 -10.75
N VAL B 448 -33.58 2.52 -11.24
CA VAL B 448 -33.41 3.68 -10.37
C VAL B 448 -34.59 3.75 -9.38
N ILE B 449 -34.28 3.88 -8.10
CA ILE B 449 -35.26 4.07 -7.04
C ILE B 449 -35.47 5.54 -6.84
N GLU B 450 -34.37 6.29 -6.67
CA GLU B 450 -34.45 7.74 -6.48
C GLU B 450 -33.11 8.41 -6.69
N HIS B 451 -33.14 9.72 -6.88
CA HIS B 451 -31.91 10.48 -7.06
C HIS B 451 -32.03 11.71 -6.19
N ILE B 452 -31.31 11.68 -5.07
CA ILE B 452 -31.30 12.76 -4.11
C ILE B 452 -30.22 13.76 -4.49
N VAL B 453 -30.50 15.04 -4.31
CA VAL B 453 -29.56 16.13 -4.65
C VAL B 453 -29.49 17.17 -3.54
N LEU B 454 -28.28 17.54 -3.13
CA LEU B 454 -28.08 18.66 -2.23
C LEU B 454 -27.30 19.69 -3.04
N GLU B 455 -27.94 20.83 -3.26
CA GLU B 455 -27.33 21.91 -4.04
C GLU B 455 -27.85 23.22 -3.52
N HIS B 456 -27.04 24.26 -3.70
CA HIS B 456 -27.47 25.62 -3.41
C HIS B 456 -26.63 26.59 -4.21
N ASP B 457 -27.24 27.62 -4.77
CA ASP B 457 -26.50 28.55 -5.63
C ASP B 457 -25.42 29.37 -4.90
N ASN B 458 -25.55 29.52 -3.59
CA ASN B 458 -24.58 30.25 -2.80
C ASN B 458 -23.81 29.27 -1.91
N VAL B 459 -22.52 29.09 -2.17
CA VAL B 459 -21.71 28.15 -1.38
C VAL B 459 -21.56 28.54 0.08
N LYS B 460 -21.67 29.84 0.37
CA LYS B 460 -21.56 30.37 1.72
C LYS B 460 -22.86 30.38 2.52
N GLN B 461 -23.96 29.93 1.92
CA GLN B 461 -25.24 29.86 2.61
C GLN B 461 -25.18 28.83 3.74
N THR B 462 -25.62 29.24 4.92
CA THR B 462 -25.72 28.37 6.08
C THR B 462 -27.18 28.08 6.39
N ASN B 463 -27.39 27.11 7.29
CA ASN B 463 -28.68 26.87 7.92
C ASN B 463 -28.68 27.53 9.30
N SER B 464 -29.83 27.55 9.96
CA SER B 464 -29.98 28.18 11.28
C SER B 464 -31.20 27.61 12.03
N ALA B 465 -31.41 28.03 13.27
CA ALA B 465 -32.60 27.58 14.01
C ALA B 465 -33.88 28.07 13.33
N GLN B 466 -33.78 29.18 12.61
CA GLN B 466 -34.96 29.85 12.05
C GLN B 466 -35.31 29.42 10.62
N SER B 467 -34.35 28.89 9.86
CA SER B 467 -34.64 28.37 8.52
C SER B 467 -33.47 27.62 7.95
N SER B 468 -33.78 26.68 7.07
CA SER B 468 -32.77 25.84 6.44
C SER B 468 -32.94 25.89 4.93
N PRO B 469 -32.37 26.91 4.29
CA PRO B 469 -32.36 26.95 2.81
C PRO B 469 -31.57 25.82 2.17
N VAL B 470 -30.63 25.22 2.91
CA VAL B 470 -29.78 24.16 2.36
C VAL B 470 -30.30 22.81 2.82
N VAL B 471 -31.12 22.20 1.97
CA VAL B 471 -31.74 20.92 2.28
C VAL B 471 -31.81 20.06 1.02
N PRO B 472 -31.83 18.74 1.18
CA PRO B 472 -31.91 17.86 0.00
C PRO B 472 -33.27 17.93 -0.69
N HIS B 473 -33.30 17.62 -1.97
CA HIS B 473 -34.53 17.34 -2.71
C HIS B 473 -34.36 16.06 -3.53
N ARG B 474 -35.45 15.60 -4.12
CA ARG B 474 -35.46 14.32 -4.81
C ARG B 474 -35.72 14.50 -6.30
N ASN B 475 -35.32 15.65 -6.84
CA ASN B 475 -35.60 15.96 -8.25
C ASN B 475 -34.48 15.58 -9.19
N GLY B 476 -33.61 14.67 -8.75
CA GLY B 476 -32.55 14.21 -9.62
C GLY B 476 -33.11 13.43 -10.78
N ASP B 477 -32.45 13.54 -11.94
CA ASP B 477 -32.97 12.95 -13.19
C ASP B 477 -32.40 11.58 -13.61
N ALA B 478 -31.72 10.88 -12.69
CA ALA B 478 -31.10 9.60 -13.00
C ALA B 478 -32.12 8.64 -13.61
N GLN B 479 -31.72 7.93 -14.65
CA GLN B 479 -32.59 7.00 -15.35
C GLN B 479 -31.79 5.85 -15.93
N LEU B 480 -32.41 4.67 -15.97
CA LEU B 480 -31.84 3.46 -16.54
C LEU B 480 -32.26 3.32 -17.98
N SER B 481 -31.32 2.98 -18.85
CA SER B 481 -31.61 2.67 -20.23
C SER B 481 -30.49 1.79 -20.78
N ASP B 482 -30.86 0.62 -21.29
CA ASP B 482 -29.93 -0.34 -21.87
C ASP B 482 -28.65 -0.52 -21.02
N ARG B 483 -28.87 -0.97 -19.78
CA ARG B 483 -27.78 -1.33 -18.86
C ARG B 483 -26.85 -0.16 -18.50
N LYS B 484 -27.36 1.07 -18.56
CA LYS B 484 -26.59 2.28 -18.30
C LYS B 484 -27.41 3.28 -17.49
N VAL B 485 -26.87 3.74 -16.37
CA VAL B 485 -27.54 4.83 -15.64
C VAL B 485 -26.96 6.16 -16.10
N SER B 486 -27.81 7.01 -16.68
CA SER B 486 -27.41 8.36 -17.01
C SER B 486 -28.05 9.33 -16.02
N ALA B 487 -27.23 10.21 -15.45
CA ALA B 487 -27.70 11.18 -14.49
C ALA B 487 -26.97 12.50 -14.71
N THR B 488 -27.70 13.60 -14.55
CA THR B 488 -27.12 14.92 -14.56
C THR B 488 -26.78 15.26 -13.12
N LEU B 489 -25.53 15.65 -12.89
CA LEU B 489 -25.11 16.11 -11.58
C LEU B 489 -24.95 17.60 -11.72
N PRO B 490 -25.84 18.39 -11.11
CA PRO B 490 -25.71 19.85 -11.21
C PRO B 490 -24.35 20.33 -10.76
N LYS B 491 -23.97 21.53 -11.20
CA LYS B 491 -22.77 22.18 -10.69
C LYS B 491 -22.80 22.23 -9.14
N LEU B 492 -21.63 22.07 -8.53
CA LEU B 492 -21.46 22.06 -7.08
C LEU B 492 -22.60 21.30 -6.39
N SER B 493 -22.69 19.99 -6.60
CA SER B 493 -23.75 19.22 -5.98
C SER B 493 -23.25 17.94 -5.33
N TRP B 494 -24.03 17.49 -4.35
CA TRP B 494 -23.88 16.18 -3.71
C TRP B 494 -25.07 15.37 -4.18
N ASN B 495 -24.81 14.17 -4.70
CA ASN B 495 -25.88 13.34 -5.25
C ASN B 495 -25.89 11.95 -4.66
N VAL B 496 -27.08 11.43 -4.38
CA VAL B 496 -27.21 10.05 -3.98
C VAL B 496 -28.17 9.37 -4.97
N ILE B 497 -27.64 8.51 -5.81
CA ILE B 497 -28.42 7.80 -6.83
C ILE B 497 -28.63 6.38 -6.34
N ARG B 498 -29.86 6.08 -5.93
CA ARG B 498 -30.17 4.78 -5.39
C ARG B 498 -30.82 3.88 -6.43
N LEU B 499 -30.25 2.68 -6.59
CA LEU B 499 -30.71 1.64 -7.49
C LEU B 499 -31.13 0.41 -6.70
N GLY B 500 -32.03 -0.38 -7.27
CA GLY B 500 -32.49 -1.61 -6.63
C GLY B 500 -33.23 -2.60 -7.51
N LYS B 501 -33.26 -3.84 -7.05
CA LYS B 501 -33.99 -4.98 -7.64
C LYS B 501 -33.01 -5.83 -8.45
#